data_7C1Z
#
_entry.id   7C1Z
#
_cell.length_a   80.613
_cell.length_b   47.917
_cell.length_c   91.928
_cell.angle_alpha   90.0
_cell.angle_beta   108.948
_cell.angle_gamma   90.0
#
_symmetry.space_group_name_H-M   'P 1 21 1'
#
loop_
_entity.id
_entity.type
_entity.pdbx_description
1 polymer 'PfkB-like carbohydrate kinase family protein'
2 non-polymer 'SODIUM ION'
3 non-polymer 'MAGNESIUM ION'
4 non-polymer "ADENOSINE-5'-TRIPHOSPHATE"
5 water water
#
_entity_poly.entity_id   1
_entity_poly.type   'polypeptide(L)'
_entity_poly.pdbx_seq_one_letter_code
;MEPVIIGALILDVHAKPSTTPISGTTVPGQVLFAPGGVARNVADCIFKLGITPFMIGTLGLDGPANVLLKEWKLSMKGIL
RREDISTPIVSLVYDTNGEVAAGVAGVDAVENFLTPEWIQRFEYNISSARLLMVDANLSSLALEASCKLAAESSVPVWFE
PVSVTKSQRIASIAKYVTIVSPNQDELIAMANALCAKNLFHPFRSDENKLSIEDMFRALKPAILVLLKNGVKVVIVTLGS
NGALLCSKGNPKKALNIDRKFLRSGEVFKRVQSVCSPNRFSELGSNRSPSLFAMHFPTIPAKVKKLTGAGDCLVGGTVAS
LSDGLDLIQSLAVGIASAKAAVESDDNVPPEFKLDLISGDAELVYNGAKMLMVHQSML
;
_entity_poly.pdbx_strand_id   A,B
#
loop_
_chem_comp.id
_chem_comp.type
_chem_comp.name
_chem_comp.formula
ATP non-polymer ADENOSINE-5'-TRIPHOSPHATE 'C10 H16 N5 O13 P3'
MG non-polymer 'MAGNESIUM ION' 'Mg 2'
NA non-polymer 'SODIUM ION' 'Na 1'
#
# COMPACT_ATOMS: atom_id res chain seq x y z
N MET A 1 -21.35 30.77 0.03
CA MET A 1 -21.31 30.25 1.39
C MET A 1 -21.02 28.75 1.39
N GLU A 2 -19.89 28.38 0.80
CA GLU A 2 -19.50 27.00 0.55
C GLU A 2 -19.52 26.13 1.81
N PRO A 3 -19.88 24.85 1.66
CA PRO A 3 -19.68 23.91 2.76
C PRO A 3 -18.19 23.75 3.09
N VAL A 4 -17.86 23.65 4.35
CA VAL A 4 -16.46 23.50 4.74
C VAL A 4 -16.24 22.06 5.19
N ILE A 5 -15.20 21.42 4.67
CA ILE A 5 -14.94 19.99 4.91
C ILE A 5 -13.61 19.89 5.65
N ILE A 6 -13.62 19.28 6.82
CA ILE A 6 -12.40 19.22 7.63
C ILE A 6 -12.06 17.80 8.04
N GLY A 7 -10.84 17.35 7.75
CA GLY A 7 -10.44 16.01 8.17
C GLY A 7 -9.32 15.41 7.34
N ALA A 8 -9.33 14.07 7.22
CA ALA A 8 -8.20 13.36 6.65
C ALA A 8 -8.12 13.44 5.13
N LEU A 9 -6.91 13.67 4.63
CA LEU A 9 -6.54 13.35 3.25
C LEU A 9 -5.57 12.17 3.30
N ILE A 10 -5.94 11.07 2.69
CA ILE A 10 -5.17 9.84 2.83
C ILE A 10 -4.85 9.20 1.47
N LEU A 11 -3.63 8.70 1.30
CA LEU A 11 -3.36 7.83 0.16
C LEU A 11 -3.73 6.41 0.55
N ASP A 12 -4.78 5.89 -0.09
CA ASP A 12 -5.19 4.50 0.08
C ASP A 12 -4.39 3.57 -0.81
N VAL A 13 -3.98 2.43 -0.25
CA VAL A 13 -3.45 1.33 -1.03
C VAL A 13 -4.51 0.24 -0.92
N HIS A 14 -5.14 -0.12 -2.04
CA HIS A 14 -6.21 -1.12 -2.07
C HIS A 14 -5.76 -2.39 -2.78
N ALA A 15 -5.64 -3.48 -2.04
CA ALA A 15 -5.20 -4.75 -2.63
C ALA A 15 -6.36 -5.72 -2.76
N LYS A 16 -6.77 -5.96 -4.00
CA LYS A 16 -7.90 -6.85 -4.33
C LYS A 16 -7.33 -8.18 -4.78
N PRO A 17 -7.37 -9.21 -3.93
CA PRO A 17 -6.74 -10.47 -4.35
C PRO A 17 -7.59 -11.21 -5.38
N SER A 18 -6.95 -12.04 -6.18
CA SER A 18 -7.62 -12.80 -7.23
C SER A 18 -8.23 -14.05 -6.62
N THR A 19 -7.66 -14.51 -5.51
CA THR A 19 -8.22 -15.64 -4.77
C THR A 19 -8.21 -15.29 -3.27
N THR A 20 -8.26 -16.30 -2.41
CA THR A 20 -8.34 -16.09 -0.96
C THR A 20 -6.98 -15.86 -0.33
N PRO A 21 -6.79 -14.70 0.32
CA PRO A 21 -5.52 -14.40 1.00
C PRO A 21 -5.16 -15.46 2.04
N ILE A 22 -3.89 -15.82 2.10
CA ILE A 22 -3.43 -16.83 3.03
C ILE A 22 -2.28 -16.27 3.87
N SER A 23 -2.41 -16.39 5.19
CA SER A 23 -1.33 -16.12 6.14
C SER A 23 0.04 -16.56 5.64
N GLY A 24 1.04 -15.73 5.85
CA GLY A 24 2.42 -16.10 5.57
C GLY A 24 2.90 -15.94 4.14
N THR A 25 2.00 -15.59 3.22
CA THR A 25 2.41 -15.43 1.83
C THR A 25 1.53 -14.48 1.05
N THR A 26 1.95 -14.21 -0.18
CA THR A 26 1.19 -13.35 -1.09
C THR A 26 0.39 -14.22 -2.04
N VAL A 27 -0.84 -13.80 -2.27
CA VAL A 27 -1.68 -14.27 -3.38
C VAL A 27 -1.59 -13.23 -4.52
N PRO A 28 -1.73 -13.67 -5.77
CA PRO A 28 -1.78 -12.71 -6.88
C PRO A 28 -3.01 -11.82 -6.77
N GLY A 29 -2.94 -10.61 -7.32
CA GLY A 29 -4.10 -9.77 -7.35
C GLY A 29 -3.84 -8.38 -7.90
N GLN A 30 -4.81 -7.50 -7.67
CA GLN A 30 -4.74 -6.14 -8.16
C GLN A 30 -4.47 -5.21 -6.97
N VAL A 31 -3.36 -4.49 -7.05
CA VAL A 31 -3.02 -3.50 -6.03
C VAL A 31 -2.94 -2.11 -6.63
N LEU A 32 -3.75 -1.20 -6.11
CA LEU A 32 -3.89 0.17 -6.61
C LEU A 32 -3.77 1.28 -5.57
N PHE A 33 -3.30 2.45 -6.01
CA PHE A 33 -3.40 3.67 -5.21
C PHE A 33 -4.77 4.32 -5.48
N ALA A 34 -5.45 4.76 -4.43
CA ALA A 34 -6.64 5.58 -4.59
C ALA A 34 -6.65 6.80 -3.66
N PRO A 35 -6.81 8.01 -4.21
CA PRO A 35 -7.01 9.16 -3.31
C PRO A 35 -8.13 8.85 -2.31
N GLY A 36 -7.86 9.04 -1.02
CA GLY A 36 -8.79 8.62 0.01
C GLY A 36 -8.84 9.58 1.19
N GLY A 37 -9.35 9.10 2.31
CA GLY A 37 -9.62 9.97 3.44
C GLY A 37 -11.05 10.45 3.38
N VAL A 38 -11.77 10.34 4.50
CA VAL A 38 -13.18 10.67 4.50
C VAL A 38 -13.41 12.09 4.02
N ALA A 39 -12.68 13.04 4.56
CA ALA A 39 -12.90 14.44 4.20
C ALA A 39 -12.54 14.70 2.75
N ARG A 40 -11.39 14.20 2.31
CA ARG A 40 -11.00 14.38 0.91
C ARG A 40 -12.06 13.81 -0.07
N ASN A 41 -12.59 12.62 0.26
CA ASN A 41 -13.57 11.94 -0.57
C ASN A 41 -14.87 12.74 -0.63
N VAL A 42 -15.31 13.20 0.54
CA VAL A 42 -16.51 14.00 0.65
C VAL A 42 -16.35 15.28 -0.15
N ALA A 43 -15.21 15.94 -0.04
CA ALA A 43 -15.01 17.17 -0.82
C ALA A 43 -14.99 16.85 -2.32
N ASP A 44 -14.28 15.77 -2.68
CA ASP A 44 -14.18 15.34 -4.08
C ASP A 44 -15.58 15.05 -4.62
N CYS A 45 -16.37 14.35 -3.81
CA CYS A 45 -17.71 13.98 -4.20
C CYS A 45 -18.59 15.21 -4.41
N ILE A 46 -18.54 16.15 -3.46
CA ILE A 46 -19.35 17.36 -3.55
C ILE A 46 -19.01 18.16 -4.82
N PHE A 47 -17.72 18.31 -5.09
CA PHE A 47 -17.25 19.06 -6.26
C PHE A 47 -17.73 18.42 -7.58
N LYS A 48 -17.69 17.09 -7.67
CA LYS A 48 -18.13 16.39 -8.88
C LYS A 48 -19.64 16.48 -9.08
N LEU A 49 -20.36 16.87 -8.04
CA LEU A 49 -21.80 17.11 -8.13
C LEU A 49 -22.15 18.58 -8.42
N GLY A 50 -21.16 19.42 -8.64
CA GLY A 50 -21.41 20.79 -9.07
C GLY A 50 -21.36 21.86 -7.98
N ILE A 51 -20.97 21.49 -6.77
CA ILE A 51 -20.84 22.45 -5.66
C ILE A 51 -19.36 22.58 -5.23
N THR A 52 -18.89 23.80 -5.02
CA THR A 52 -17.51 23.99 -4.57
C THR A 52 -17.40 23.97 -3.05
N PRO A 53 -16.72 22.97 -2.48
CA PRO A 53 -16.48 22.97 -1.03
C PRO A 53 -15.14 23.63 -0.69
N PHE A 54 -14.91 23.94 0.59
CA PHE A 54 -13.60 24.41 1.05
C PHE A 54 -13.00 23.34 1.94
N MET A 55 -11.81 22.88 1.59
CA MET A 55 -11.19 21.77 2.29
C MET A 55 -10.15 22.22 3.29
N ILE A 56 -10.24 21.72 4.52
CA ILE A 56 -9.21 22.00 5.51
C ILE A 56 -8.60 20.68 5.97
N GLY A 57 -7.29 20.56 5.80
CA GLY A 57 -6.58 19.33 6.17
C GLY A 57 -5.08 19.53 6.21
N THR A 58 -4.32 18.45 6.22
CA THR A 58 -2.87 18.55 6.32
C THR A 58 -2.16 17.47 5.49
N LEU A 59 -1.04 17.83 4.88
CA LEU A 59 -0.29 16.93 4.01
C LEU A 59 1.22 17.07 4.25
N GLY A 60 1.97 16.04 3.91
CA GLY A 60 3.41 16.12 3.94
C GLY A 60 3.97 16.74 2.65
N LEU A 61 5.29 16.91 2.61
CA LEU A 61 5.98 17.32 1.39
C LEU A 61 6.69 16.10 0.84
N ASP A 62 5.91 15.05 0.60
CA ASP A 62 6.46 13.77 0.21
C ASP A 62 5.74 13.22 -1.02
N GLY A 63 6.13 12.03 -1.46
CA GLY A 63 5.54 11.41 -2.64
C GLY A 63 4.03 11.17 -2.62
N PRO A 64 3.51 10.57 -1.53
CA PRO A 64 2.06 10.38 -1.41
C PRO A 64 1.28 11.70 -1.54
N ALA A 65 1.78 12.78 -0.96
CA ALA A 65 1.13 14.08 -1.13
C ALA A 65 1.03 14.50 -2.60
N ASN A 66 2.11 14.29 -3.35
CA ASN A 66 2.11 14.62 -4.78
C ASN A 66 1.04 13.81 -5.53
N VAL A 67 0.90 12.55 -5.17
CA VAL A 67 -0.15 11.73 -5.74
C VAL A 67 -1.50 12.36 -5.42
N LEU A 68 -1.68 12.72 -4.15
CA LEU A 68 -2.95 13.28 -3.69
C LEU A 68 -3.26 14.61 -4.36
N LEU A 69 -2.24 15.43 -4.60
CA LEU A 69 -2.45 16.78 -5.13
C LEU A 69 -2.39 16.88 -6.63
N LYS A 70 -2.03 15.77 -7.28
CA LYS A 70 -1.81 15.74 -8.72
C LYS A 70 -2.98 16.35 -9.49
N GLU A 71 -4.20 15.92 -9.18
CA GLU A 71 -5.36 16.38 -9.92
C GLU A 71 -6.26 17.31 -9.11
N TRP A 72 -5.72 17.86 -8.02
CA TRP A 72 -6.51 18.70 -7.13
C TRP A 72 -6.86 20.03 -7.79
N LYS A 73 -8.15 20.32 -7.87
CA LYS A 73 -8.65 21.49 -8.57
C LYS A 73 -9.34 22.49 -7.64
N LEU A 74 -9.27 22.25 -6.34
CA LEU A 74 -9.92 23.14 -5.37
C LEU A 74 -8.82 23.97 -4.74
N SER A 75 -9.19 24.99 -3.96
CA SER A 75 -8.20 25.79 -3.24
C SER A 75 -7.36 24.89 -2.36
N MET A 76 -6.11 25.27 -2.15
CA MET A 76 -5.25 24.53 -1.22
C MET A 76 -4.93 25.38 0.01
N LYS A 77 -5.55 26.54 0.08
CA LYS A 77 -5.27 27.49 1.15
C LYS A 77 -5.52 26.86 2.52
N GLY A 78 -6.47 25.91 2.59
CA GLY A 78 -6.81 25.30 3.85
C GLY A 78 -5.96 24.09 4.15
N ILE A 79 -5.00 23.79 3.29
CA ILE A 79 -4.24 22.57 3.49
C ILE A 79 -2.87 22.86 4.11
N LEU A 80 -2.71 22.46 5.36
CA LEU A 80 -1.41 22.63 6.03
C LEU A 80 -0.35 21.70 5.47
N ARG A 81 0.71 22.26 4.91
CA ARG A 81 1.79 21.43 4.40
C ARG A 81 3.09 21.70 5.13
N ARG A 82 3.70 20.64 5.64
CA ARG A 82 4.97 20.79 6.38
C ARG A 82 5.88 19.59 6.15
N GLU A 83 7.19 19.78 6.27
CA GLU A 83 8.10 18.71 5.87
C GLU A 83 8.30 17.70 7.00
N ASP A 84 7.91 18.10 8.22
CA ASP A 84 7.96 17.19 9.35
C ASP A 84 6.71 16.34 9.44
N ILE A 85 5.83 16.46 8.45
CA ILE A 85 4.57 15.71 8.39
C ILE A 85 4.66 14.56 7.40
N SER A 86 4.28 13.36 7.84
CA SER A 86 4.14 12.22 6.95
C SER A 86 2.70 12.11 6.44
N THR A 87 2.51 12.21 5.13
CA THR A 87 1.16 12.10 4.57
C THR A 87 0.54 10.76 4.94
N PRO A 88 -0.68 10.81 5.53
CA PRO A 88 -1.38 9.60 5.99
C PRO A 88 -1.52 8.58 4.89
N ILE A 89 -1.41 7.31 5.28
CA ILE A 89 -1.57 6.16 4.39
C ILE A 89 -2.43 5.07 5.04
N VAL A 90 -3.42 4.59 4.30
CA VAL A 90 -4.21 3.43 4.69
C VAL A 90 -3.96 2.27 3.73
N SER A 91 -3.67 1.09 4.27
CA SER A 91 -3.47 -0.10 3.46
C SER A 91 -4.61 -1.07 3.75
N LEU A 92 -5.37 -1.41 2.71
CA LEU A 92 -6.46 -2.39 2.84
C LEU A 92 -6.19 -3.62 2.02
N VAL A 93 -6.39 -4.79 2.63
CA VAL A 93 -6.47 -6.01 1.86
C VAL A 93 -7.89 -6.54 1.86
N TYR A 94 -8.46 -6.64 0.68
CA TYR A 94 -9.84 -7.07 0.54
C TYR A 94 -9.97 -8.56 0.52
N ASP A 95 -11.20 -9.02 0.66
CA ASP A 95 -11.56 -10.39 0.38
C ASP A 95 -12.11 -10.37 -1.04
N THR A 96 -12.44 -11.53 -1.59
CA THR A 96 -12.84 -11.61 -2.99
C THR A 96 -14.27 -11.11 -3.20
N ASN A 97 -15.02 -10.96 -2.12
CA ASN A 97 -16.35 -10.39 -2.17
C ASN A 97 -16.37 -8.84 -2.12
N GLY A 98 -15.21 -8.25 -1.87
CA GLY A 98 -15.10 -6.80 -1.89
C GLY A 98 -15.15 -6.16 -0.51
N GLU A 99 -15.12 -7.03 0.50
CA GLU A 99 -15.11 -6.59 1.89
C GLU A 99 -13.67 -6.58 2.38
N VAL A 100 -13.41 -5.73 3.36
CA VAL A 100 -12.07 -5.60 3.88
C VAL A 100 -11.71 -6.81 4.76
N ALA A 101 -10.68 -7.52 4.34
CA ALA A 101 -10.19 -8.68 5.09
C ALA A 101 -9.17 -8.30 6.17
N ALA A 102 -8.34 -7.31 5.88
CA ALA A 102 -7.30 -6.86 6.81
C ALA A 102 -6.80 -5.48 6.41
N GLY A 103 -6.68 -4.59 7.41
CA GLY A 103 -6.34 -3.21 7.15
C GLY A 103 -5.48 -2.57 8.23
N VAL A 104 -4.62 -1.64 7.82
CA VAL A 104 -3.83 -0.85 8.76
C VAL A 104 -3.95 0.61 8.34
N ALA A 105 -4.31 1.44 9.31
CA ALA A 105 -4.44 2.87 9.09
C ALA A 105 -3.34 3.62 9.85
N GLY A 106 -2.55 4.40 9.11
CA GLY A 106 -1.52 5.24 9.71
C GLY A 106 -1.87 6.69 9.45
N VAL A 107 -2.62 7.30 10.37
CA VAL A 107 -3.20 8.61 10.10
C VAL A 107 -2.89 9.61 11.23
N ASP A 108 -1.78 9.38 11.92
CA ASP A 108 -1.44 10.15 13.09
C ASP A 108 -1.17 11.60 12.75
N ALA A 109 -0.80 11.89 11.51
CA ALA A 109 -0.60 13.28 11.11
C ALA A 109 -1.86 14.12 11.27
N VAL A 110 -3.03 13.52 11.05
CA VAL A 110 -4.30 14.23 11.21
C VAL A 110 -4.53 14.57 12.68
N GLU A 111 -4.43 13.56 13.54
CA GLU A 111 -4.62 13.74 14.97
C GLU A 111 -3.66 14.72 15.57
N ASN A 112 -2.39 14.66 15.15
CA ASN A 112 -1.33 15.52 15.73
C ASN A 112 -1.15 16.88 15.07
N PHE A 113 -1.42 16.99 13.77
CA PHE A 113 -1.07 18.23 13.06
C PHE A 113 -2.24 19.02 12.49
N LEU A 114 -3.42 18.40 12.38
CA LEU A 114 -4.60 19.17 12.02
C LEU A 114 -5.24 19.79 13.28
N THR A 115 -4.63 20.87 13.76
CA THR A 115 -4.89 21.42 15.09
C THR A 115 -5.93 22.54 15.15
N PRO A 116 -6.45 22.85 16.37
CA PRO A 116 -7.29 24.07 16.51
C PRO A 116 -6.59 25.32 15.99
N GLU A 117 -5.27 25.36 16.17
CA GLU A 117 -4.50 26.52 15.71
C GLU A 117 -4.57 26.63 14.18
N TRP A 118 -4.41 25.53 13.47
CA TRP A 118 -4.56 25.59 12.01
C TRP A 118 -6.00 25.92 11.63
N ILE A 119 -6.95 25.21 12.21
CA ILE A 119 -8.37 25.38 11.85
C ILE A 119 -8.94 26.78 12.14
N GLN A 120 -8.56 27.38 13.27
CA GLN A 120 -9.03 28.70 13.66
C GLN A 120 -8.61 29.85 12.70
N ARG A 121 -7.57 29.65 11.92
CA ARG A 121 -7.26 30.59 10.84
C ARG A 121 -8.47 30.75 9.92
N PHE A 122 -9.35 29.75 9.88
CA PHE A 122 -10.43 29.76 8.91
C PHE A 122 -11.78 29.98 9.53
N GLU A 123 -11.80 30.74 10.61
CA GLU A 123 -13.04 31.08 11.32
C GLU A 123 -14.06 31.72 10.38
N TYR A 124 -13.59 32.57 9.45
CA TYR A 124 -14.52 33.18 8.51
C TYR A 124 -15.20 32.13 7.62
N ASN A 125 -14.43 31.22 7.04
CA ASN A 125 -14.99 30.20 6.16
C ASN A 125 -15.97 29.31 6.92
N ILE A 126 -15.62 28.97 8.17
CA ILE A 126 -16.49 28.13 8.97
C ILE A 126 -17.76 28.86 9.41
N SER A 127 -17.62 30.08 9.92
CA SER A 127 -18.79 30.78 10.43
C SER A 127 -19.74 31.20 9.31
N SER A 128 -19.21 31.29 8.09
CA SER A 128 -20.05 31.67 6.96
C SER A 128 -20.49 30.47 6.11
N ALA A 129 -20.08 29.27 6.51
CA ALA A 129 -20.39 28.05 5.77
C ALA A 129 -21.88 27.71 5.75
N ARG A 130 -22.32 27.10 4.68
CA ARG A 130 -23.68 26.57 4.63
C ARG A 130 -23.79 25.39 5.58
N LEU A 131 -22.66 24.68 5.76
CA LEU A 131 -22.62 23.51 6.60
C LEU A 131 -21.18 23.13 6.88
N LEU A 132 -20.91 22.60 8.07
CA LEU A 132 -19.57 22.13 8.38
C LEU A 132 -19.56 20.61 8.51
N MET A 133 -18.65 19.97 7.77
CA MET A 133 -18.50 18.52 7.86
C MET A 133 -17.14 18.24 8.48
N VAL A 134 -17.14 17.53 9.63
CA VAL A 134 -15.90 17.15 10.29
C VAL A 134 -15.80 15.63 10.34
N ASP A 135 -14.60 15.06 10.17
CA ASP A 135 -14.53 13.61 10.38
C ASP A 135 -13.80 13.28 11.69
N ALA A 136 -13.93 12.04 12.14
CA ALA A 136 -13.48 11.62 13.46
C ALA A 136 -12.00 11.33 13.50
N ASN A 137 -11.33 11.49 12.37
CA ASN A 137 -9.85 11.43 12.36
C ASN A 137 -9.25 12.62 13.10
N LEU A 138 -10.00 13.70 13.20
CA LEU A 138 -9.58 14.85 14.02
C LEU A 138 -9.50 14.40 15.48
N SER A 139 -8.55 14.97 16.23
CA SER A 139 -8.48 14.81 17.66
C SER A 139 -9.73 15.41 18.29
N SER A 140 -10.05 14.97 19.51
CA SER A 140 -11.20 15.54 20.22
C SER A 140 -11.12 17.06 20.35
N LEU A 141 -9.92 17.58 20.57
CA LEU A 141 -9.72 19.02 20.75
C LEU A 141 -9.95 19.80 19.47
N ALA A 142 -9.44 19.28 18.35
CA ALA A 142 -9.71 19.86 17.04
C ALA A 142 -11.20 19.81 16.73
N LEU A 143 -11.83 18.71 17.14
CA LEU A 143 -13.26 18.53 16.88
C LEU A 143 -14.05 19.59 17.65
N GLU A 144 -13.67 19.82 18.91
CA GLU A 144 -14.35 20.80 19.78
C GLU A 144 -14.20 22.21 19.26
N ALA A 145 -12.98 22.56 18.90
CA ALA A 145 -12.73 23.87 18.34
C ALA A 145 -13.58 24.13 17.09
N SER A 146 -13.57 23.17 16.16
CA SER A 146 -14.36 23.24 14.92
C SER A 146 -15.85 23.39 15.18
N CYS A 147 -16.40 22.52 16.02
CA CYS A 147 -17.84 22.47 16.23
C CYS A 147 -18.37 23.66 17.02
N LYS A 148 -17.53 24.22 17.90
CA LYS A 148 -17.92 25.40 18.67
C LYS A 148 -17.96 26.60 17.75
N LEU A 149 -17.00 26.67 16.82
CA LEU A 149 -17.01 27.77 15.85
C LEU A 149 -18.26 27.73 14.98
N ALA A 150 -18.63 26.54 14.50
CA ALA A 150 -19.86 26.45 13.70
C ALA A 150 -21.08 26.81 14.55
N ALA A 151 -21.11 26.24 15.74
CA ALA A 151 -22.23 26.39 16.67
C ALA A 151 -22.50 27.85 17.06
N GLU A 152 -21.44 28.62 17.28
CA GLU A 152 -21.57 30.01 17.66
C GLU A 152 -22.15 30.85 16.52
N SER A 153 -22.11 30.31 15.31
CA SER A 153 -22.67 31.01 14.16
C SER A 153 -23.86 30.22 13.60
N SER A 154 -24.39 29.31 14.41
CA SER A 154 -25.48 28.42 14.02
C SER A 154 -25.28 27.79 12.65
N VAL A 155 -24.04 27.35 12.39
CA VAL A 155 -23.76 26.59 11.19
C VAL A 155 -23.94 25.13 11.57
N PRO A 156 -24.83 24.41 10.85
CA PRO A 156 -25.08 22.99 11.11
C PRO A 156 -23.81 22.16 10.96
N VAL A 157 -23.62 21.19 11.85
CA VAL A 157 -22.41 20.36 11.84
C VAL A 157 -22.73 18.92 11.46
N TRP A 158 -21.98 18.38 10.51
CA TRP A 158 -22.06 16.97 10.15
C TRP A 158 -20.81 16.27 10.69
N PHE A 159 -21.00 15.30 11.58
CA PHE A 159 -19.90 14.51 12.12
C PHE A 159 -19.82 13.15 11.45
N GLU A 160 -18.74 12.87 10.73
CA GLU A 160 -18.59 11.53 10.11
C GLU A 160 -17.71 10.67 11.02
N PRO A 161 -18.30 9.59 11.55
CA PRO A 161 -17.73 8.81 12.66
C PRO A 161 -16.47 8.00 12.32
N VAL A 162 -16.23 7.77 11.04
CA VAL A 162 -15.03 7.11 10.50
C VAL A 162 -14.88 5.63 10.94
N SER A 163 -14.88 5.34 12.22
CA SER A 163 -14.69 3.95 12.64
C SER A 163 -15.26 3.73 14.02
N VAL A 164 -15.36 2.47 14.45
CA VAL A 164 -15.92 2.17 15.74
C VAL A 164 -15.15 2.91 16.85
N THR A 165 -13.83 2.87 16.79
CA THR A 165 -13.00 3.55 17.80
C THR A 165 -13.12 5.07 17.72
N LYS A 166 -12.93 5.61 16.53
CA LYS A 166 -12.93 7.05 16.41
C LYS A 166 -14.32 7.66 16.56
N SER A 167 -15.37 6.88 16.33
CA SER A 167 -16.73 7.38 16.40
C SER A 167 -17.01 7.89 17.81
N GLN A 168 -16.31 7.32 18.77
CA GLN A 168 -16.54 7.65 20.18
C GLN A 168 -16.16 9.09 20.50
N ARG A 169 -15.47 9.76 19.57
CA ARG A 169 -15.16 11.19 19.74
C ARG A 169 -16.42 12.06 19.69
N ILE A 170 -17.57 11.49 19.36
CA ILE A 170 -18.83 12.22 19.49
C ILE A 170 -19.02 12.72 20.93
N ALA A 171 -18.41 12.03 21.90
CA ALA A 171 -18.76 12.23 23.32
C ALA A 171 -18.52 13.66 23.78
N SER A 172 -17.46 14.28 23.30
CA SER A 172 -17.18 15.63 23.79
C SER A 172 -17.78 16.70 22.89
N ILE A 173 -18.55 16.32 21.87
CA ILE A 173 -19.11 17.36 21.01
C ILE A 173 -20.57 17.20 20.65
N ALA A 174 -21.26 16.24 21.26
CA ALA A 174 -22.59 15.88 20.77
C ALA A 174 -23.55 17.06 20.65
N LYS A 175 -23.53 17.95 21.64
CA LYS A 175 -24.44 19.10 21.67
C LYS A 175 -24.27 20.05 20.48
N TYR A 176 -23.10 20.04 19.87
CA TYR A 176 -22.79 20.90 18.75
C TYR A 176 -23.13 20.26 17.40
N VAL A 177 -23.45 18.97 17.44
CA VAL A 177 -23.58 18.20 16.20
C VAL A 177 -25.03 18.10 15.77
N THR A 178 -25.28 18.45 14.51
CA THR A 178 -26.61 18.39 13.93
C THR A 178 -26.87 17.01 13.32
N ILE A 179 -25.92 16.51 12.52
CA ILE A 179 -26.10 15.26 11.77
C ILE A 179 -24.92 14.31 11.97
N VAL A 180 -25.20 13.02 12.17
CA VAL A 180 -24.17 11.99 12.21
C VAL A 180 -24.50 10.89 11.21
N SER A 181 -23.45 10.25 10.69
CA SER A 181 -23.66 9.22 9.67
C SER A 181 -22.95 7.88 9.95
N PRO A 182 -23.22 7.25 11.11
CA PRO A 182 -22.59 5.98 11.45
C PRO A 182 -23.17 4.79 10.69
N ASN A 183 -22.39 3.72 10.51
CA ASN A 183 -22.96 2.40 10.25
C ASN A 183 -23.48 1.82 11.55
N GLN A 184 -23.99 0.59 11.51
CA GLN A 184 -24.57 -0.03 12.70
C GLN A 184 -23.60 -0.12 13.90
N ASP A 185 -22.37 -0.54 13.66
CA ASP A 185 -21.36 -0.68 14.72
C ASP A 185 -20.93 0.66 15.32
N GLU A 186 -20.71 1.65 14.44
CA GLU A 186 -20.34 2.98 14.91
C GLU A 186 -21.47 3.59 15.74
N LEU A 187 -22.71 3.32 15.36
CA LEU A 187 -23.85 3.82 16.12
C LEU A 187 -23.83 3.33 17.58
N ILE A 188 -23.55 2.03 17.71
CA ILE A 188 -23.50 1.39 19.02
C ILE A 188 -22.31 1.93 19.84
N ALA A 189 -21.14 2.03 19.19
CA ALA A 189 -19.97 2.60 19.84
C ALA A 189 -20.26 4.02 20.32
N MET A 190 -20.94 4.80 19.49
CA MET A 190 -21.25 6.18 19.86
C MET A 190 -22.20 6.22 21.04
N ALA A 191 -23.22 5.37 21.03
CA ALA A 191 -24.17 5.33 22.13
C ALA A 191 -23.47 4.99 23.46
N ASN A 192 -22.57 4.03 23.38
CA ASN A 192 -21.80 3.60 24.53
C ASN A 192 -20.91 4.74 25.04
N ALA A 193 -20.31 5.49 24.12
CA ALA A 193 -19.52 6.67 24.45
C ALA A 193 -20.33 7.68 25.23
N LEU A 194 -21.55 7.94 24.75
CA LEU A 194 -22.35 8.99 25.35
C LEU A 194 -22.92 8.53 26.67
N CYS A 195 -22.96 7.21 26.85
CA CYS A 195 -23.48 6.60 28.07
C CYS A 195 -22.35 6.43 29.08
N ALA A 196 -21.11 6.54 28.60
CA ALA A 196 -19.92 6.36 29.43
C ALA A 196 -19.84 4.90 29.92
N LYS A 197 -20.64 4.02 29.31
CA LYS A 197 -20.54 2.59 29.57
C LYS A 197 -20.79 1.78 28.33
N ASN A 198 -20.28 0.55 28.34
CA ASN A 198 -20.55 -0.40 27.29
C ASN A 198 -21.92 -1.05 27.48
N LEU A 199 -22.99 -0.31 27.23
CA LEU A 199 -24.36 -0.79 27.48
C LEU A 199 -25.04 -1.43 26.26
N PHE A 200 -24.56 -1.14 25.06
CA PHE A 200 -25.14 -1.65 23.82
C PHE A 200 -24.10 -2.48 23.09
N HIS A 201 -24.52 -3.48 22.33
CA HIS A 201 -23.55 -4.38 21.73
C HIS A 201 -23.75 -4.54 20.23
N PRO A 202 -22.68 -4.87 19.48
CA PRO A 202 -22.78 -4.94 18.02
C PRO A 202 -23.52 -6.18 17.58
N PHE A 203 -23.59 -6.46 16.28
CA PHE A 203 -24.29 -7.67 15.80
C PHE A 203 -23.35 -8.60 15.05
N LEU A 210 -32.08 -10.25 7.74
CA LEU A 210 -33.00 -9.92 8.82
C LEU A 210 -33.79 -8.65 8.42
N SER A 211 -34.97 -8.44 8.99
CA SER A 211 -35.86 -7.36 8.54
C SER A 211 -35.48 -5.95 8.99
N ILE A 212 -36.04 -4.95 8.30
CA ILE A 212 -35.76 -3.55 8.58
C ILE A 212 -36.41 -3.15 9.89
N GLU A 213 -37.65 -3.60 10.11
CA GLU A 213 -38.31 -3.32 11.37
C GLU A 213 -37.50 -3.90 12.53
N ASP A 214 -36.88 -5.06 12.31
CA ASP A 214 -36.11 -5.72 13.37
C ASP A 214 -34.83 -4.95 13.68
N MET A 215 -34.11 -4.58 12.63
CA MET A 215 -32.89 -3.80 12.78
C MET A 215 -33.20 -2.49 13.52
N PHE A 216 -34.26 -1.83 13.11
CA PHE A 216 -34.65 -0.60 13.75
C PHE A 216 -34.99 -0.81 15.24
N ARG A 217 -35.76 -1.84 15.57
CA ARG A 217 -36.08 -2.09 16.97
C ARG A 217 -34.80 -2.35 17.77
N ALA A 218 -33.87 -3.08 17.17
CA ALA A 218 -32.58 -3.31 17.81
C ALA A 218 -31.78 -2.01 18.05
N LEU A 219 -31.77 -1.11 17.08
CA LEU A 219 -30.94 0.11 17.13
C LEU A 219 -31.60 1.28 17.86
N LYS A 220 -32.93 1.25 17.96
CA LYS A 220 -33.68 2.37 18.51
C LYS A 220 -33.17 2.97 19.84
N PRO A 221 -32.90 2.12 20.87
CA PRO A 221 -32.45 2.71 22.14
C PRO A 221 -31.14 3.48 21.98
N ALA A 222 -30.23 2.91 21.21
CA ALA A 222 -28.97 3.57 20.92
C ALA A 222 -29.20 4.88 20.16
N ILE A 223 -30.15 4.89 19.23
CA ILE A 223 -30.44 6.09 18.47
C ILE A 223 -30.96 7.17 19.40
N LEU A 224 -31.78 6.75 20.36
CA LEU A 224 -32.37 7.69 21.30
C LEU A 224 -31.27 8.30 22.16
N VAL A 225 -30.24 7.50 22.48
CA VAL A 225 -29.11 8.02 23.27
C VAL A 225 -28.47 9.20 22.56
N LEU A 226 -28.24 9.08 21.25
CA LEU A 226 -27.61 10.17 20.55
C LEU A 226 -28.52 11.39 20.51
N LEU A 227 -29.80 11.17 20.26
CA LEU A 227 -30.72 12.28 20.06
C LEU A 227 -30.88 13.12 21.33
N LYS A 228 -31.07 12.47 22.48
CA LYS A 228 -31.25 13.24 23.70
C LYS A 228 -29.94 13.79 24.23
N ASN A 229 -28.83 13.42 23.61
CA ASN A 229 -27.56 14.08 23.93
C ASN A 229 -27.30 15.25 22.98
N GLY A 230 -28.28 15.58 22.16
CA GLY A 230 -28.20 16.79 21.37
C GLY A 230 -28.02 16.63 19.87
N VAL A 231 -27.73 15.43 19.40
CA VAL A 231 -27.65 15.20 17.97
C VAL A 231 -29.07 15.32 17.42
N LYS A 232 -29.26 16.06 16.34
CA LYS A 232 -30.61 16.24 15.82
C LYS A 232 -31.03 15.20 14.78
N VAL A 233 -30.06 14.74 13.98
CA VAL A 233 -30.29 13.77 12.91
C VAL A 233 -29.28 12.61 12.96
N VAL A 234 -29.79 11.40 12.99
CA VAL A 234 -28.95 10.19 12.96
C VAL A 234 -29.22 9.44 11.67
N ILE A 235 -28.22 9.38 10.80
CA ILE A 235 -28.35 8.57 9.59
C ILE A 235 -27.58 7.26 9.76
N VAL A 236 -28.29 6.15 9.85
CA VAL A 236 -27.61 4.88 10.04
C VAL A 236 -27.47 4.20 8.70
N THR A 237 -26.23 4.10 8.21
CA THR A 237 -26.01 3.43 6.93
C THR A 237 -25.95 1.90 7.12
N LEU A 238 -26.68 1.19 6.25
CA LEU A 238 -26.92 -0.26 6.38
C LEU A 238 -26.42 -1.09 5.18
N GLY A 239 -25.39 -0.61 4.51
CA GLY A 239 -24.85 -1.32 3.36
C GLY A 239 -25.91 -1.55 2.30
N SER A 240 -26.01 -2.80 1.86
CA SER A 240 -26.95 -3.15 0.79
C SER A 240 -28.41 -3.04 1.21
N ASN A 241 -28.65 -2.73 2.49
CA ASN A 241 -30.01 -2.50 3.00
C ASN A 241 -30.35 -1.01 3.04
N GLY A 242 -29.47 -0.18 2.51
CA GLY A 242 -29.75 1.24 2.41
C GLY A 242 -29.37 2.00 3.67
N ALA A 243 -30.31 2.78 4.18
CA ALA A 243 -30.03 3.65 5.31
C ALA A 243 -31.28 3.96 6.13
N LEU A 244 -31.10 4.22 7.41
CA LEU A 244 -32.19 4.75 8.22
C LEU A 244 -31.99 6.24 8.42
N LEU A 245 -33.06 6.99 8.36
CA LEU A 245 -33.00 8.39 8.69
C LEU A 245 -33.85 8.62 9.93
N CYS A 246 -33.20 8.99 11.03
CA CYS A 246 -33.92 9.32 12.25
C CYS A 246 -33.59 10.73 12.67
N SER A 247 -34.62 11.48 13.04
CA SER A 247 -34.40 12.84 13.44
C SER A 247 -35.23 13.15 14.69
N LYS A 248 -34.74 14.10 15.45
CA LYS A 248 -35.51 14.69 16.52
C LYS A 248 -36.35 15.80 15.90
N GLY A 249 -37.67 15.62 15.88
CA GLY A 249 -38.52 16.57 15.21
C GLY A 249 -38.62 16.22 13.74
N ASN A 250 -39.50 16.92 13.03
CA ASN A 250 -39.66 16.71 11.60
C ASN A 250 -38.31 16.94 10.93
N PRO A 251 -37.91 16.05 10.01
CA PRO A 251 -36.58 16.18 9.39
C PRO A 251 -36.43 17.40 8.48
N LYS A 252 -37.56 17.90 7.96
CA LYS A 252 -37.51 19.01 7.00
C LYS A 252 -37.16 20.30 7.74
N LYS A 253 -37.76 20.51 8.91
CA LYS A 253 -37.33 21.60 9.77
C LYS A 253 -36.67 21.04 11.02
N ALA A 254 -35.61 20.25 10.80
CA ALA A 254 -34.76 19.75 11.88
C ALA A 254 -33.33 20.22 11.62
N LEU A 255 -32.87 20.05 10.39
CA LEU A 255 -31.59 20.59 10.00
C LEU A 255 -31.67 22.11 10.09
N ASN A 256 -32.79 22.65 9.63
CA ASN A 256 -33.11 24.06 9.80
C ASN A 256 -32.10 24.98 9.13
N PHE A 268 -29.95 18.73 -8.97
CA PHE A 268 -30.65 19.53 -7.99
C PHE A 268 -32.01 20.04 -8.50
N LYS A 269 -32.04 20.73 -9.63
CA LYS A 269 -33.33 21.22 -10.12
C LYS A 269 -34.12 19.98 -10.55
N ARG A 270 -33.41 19.06 -11.17
CA ARG A 270 -33.93 17.75 -11.52
C ARG A 270 -34.59 17.07 -10.32
N VAL A 271 -33.83 16.88 -9.25
CA VAL A 271 -34.26 16.14 -8.06
C VAL A 271 -35.48 16.75 -7.41
N GLN A 272 -35.44 18.07 -7.31
CA GLN A 272 -36.49 18.86 -6.67
C GLN A 272 -37.84 18.73 -7.38
N SER A 273 -37.80 18.61 -8.70
CA SER A 273 -39.03 18.48 -9.48
C SER A 273 -39.61 17.06 -9.37
N VAL A 274 -38.73 16.08 -9.22
CA VAL A 274 -39.12 14.67 -9.29
C VAL A 274 -39.30 14.02 -7.90
N CYS A 275 -38.40 14.34 -6.98
CA CYS A 275 -38.58 13.93 -5.59
C CYS A 275 -39.39 15.00 -4.87
N SER A 276 -40.71 14.91 -5.00
CA SER A 276 -41.56 15.99 -4.56
C SER A 276 -41.48 16.21 -3.05
N PRO A 277 -41.34 17.49 -2.64
CA PRO A 277 -41.32 17.77 -1.21
C PRO A 277 -42.70 17.60 -0.57
N ASN A 278 -43.70 17.17 -1.34
CA ASN A 278 -45.03 16.89 -0.83
C ASN A 278 -45.42 15.44 -0.99
N ARG A 279 -44.44 14.55 -1.08
CA ARG A 279 -44.74 13.13 -1.25
C ARG A 279 -45.16 12.49 0.07
N PHE A 280 -44.58 13.00 1.15
CA PHE A 280 -44.76 12.35 2.44
C PHE A 280 -45.71 13.17 3.32
N SER A 281 -46.90 12.62 3.52
CA SER A 281 -47.97 13.23 4.28
C SER A 281 -47.55 13.64 5.70
N GLU A 282 -46.82 12.75 6.36
CA GLU A 282 -46.48 12.91 7.77
C GLU A 282 -45.44 13.99 8.03
N LEU A 283 -45.34 14.95 7.11
CA LEU A 283 -44.37 16.02 7.25
C LEU A 283 -45.04 17.37 6.97
N SER A 288 -44.61 17.09 14.75
CA SER A 288 -43.18 16.97 15.01
C SER A 288 -42.92 16.05 16.22
N PRO A 289 -42.44 14.82 15.95
CA PRO A 289 -42.16 13.81 16.98
C PRO A 289 -40.75 13.90 17.54
N SER A 290 -40.51 13.35 18.73
CA SER A 290 -39.14 13.38 19.25
C SER A 290 -38.27 12.37 18.48
N LEU A 291 -38.83 11.24 18.08
CA LEU A 291 -38.12 10.33 17.19
C LEU A 291 -38.89 10.12 15.88
N PHE A 292 -38.34 10.62 14.80
CA PHE A 292 -38.94 10.41 13.50
C PHE A 292 -38.06 9.40 12.79
N ALA A 293 -38.63 8.37 12.19
CA ALA A 293 -37.78 7.35 11.56
C ALA A 293 -38.27 6.89 10.17
N MET A 294 -37.36 6.92 9.19
CA MET A 294 -37.63 6.45 7.82
C MET A 294 -36.55 5.50 7.36
N HIS A 295 -36.94 4.53 6.55
CA HIS A 295 -35.96 3.67 5.88
C HIS A 295 -35.85 3.98 4.39
N PHE A 296 -34.62 4.19 3.93
CA PHE A 296 -34.33 4.39 2.52
C PHE A 296 -33.66 3.15 1.99
N PRO A 297 -34.24 2.54 0.96
CA PRO A 297 -33.60 1.38 0.31
C PRO A 297 -32.41 1.83 -0.52
N THR A 298 -31.49 0.93 -0.85
CA THR A 298 -30.50 1.28 -1.86
C THR A 298 -30.88 0.60 -3.16
N ILE A 299 -30.00 0.63 -4.14
CA ILE A 299 -30.27 0.08 -5.45
C ILE A 299 -29.28 -1.01 -5.79
N PRO A 300 -29.77 -2.17 -6.26
CA PRO A 300 -28.90 -3.28 -6.64
C PRO A 300 -27.74 -2.77 -7.47
N ALA A 301 -26.52 -3.17 -7.11
CA ALA A 301 -25.34 -2.69 -7.81
C ALA A 301 -24.37 -3.82 -8.13
N LYS A 302 -23.43 -3.56 -9.02
CA LYS A 302 -22.33 -4.48 -9.23
C LYS A 302 -21.05 -3.91 -8.68
N VAL A 303 -20.69 -4.42 -7.51
CA VAL A 303 -19.57 -3.94 -6.74
C VAL A 303 -18.22 -4.19 -7.37
N LYS A 304 -17.44 -3.12 -7.52
CA LYS A 304 -16.02 -3.32 -7.79
C LYS A 304 -15.23 -3.08 -6.51
N LYS A 305 -15.72 -2.19 -5.67
CA LYS A 305 -15.06 -1.87 -4.41
C LYS A 305 -15.98 -1.06 -3.51
N LEU A 306 -16.27 -1.57 -2.32
CA LEU A 306 -17.20 -0.92 -1.42
C LEU A 306 -16.66 0.30 -0.68
N THR A 307 -15.33 0.38 -0.53
CA THR A 307 -14.70 1.48 0.17
C THR A 307 -15.11 2.81 -0.49
N GLY A 308 -15.50 3.79 0.32
CA GLY A 308 -15.86 5.12 -0.16
C GLY A 308 -17.34 5.34 -0.44
N ALA A 309 -18.16 4.31 -0.29
CA ALA A 309 -19.60 4.45 -0.46
C ALA A 309 -20.22 5.39 0.60
N GLY A 310 -19.92 5.16 1.87
CA GLY A 310 -20.46 5.99 2.93
C GLY A 310 -20.00 7.42 2.77
N ASP A 311 -18.79 7.60 2.27
CA ASP A 311 -18.25 8.96 2.08
C ASP A 311 -18.99 9.67 0.98
N CYS A 312 -19.38 8.92 -0.05
CA CYS A 312 -20.14 9.54 -1.15
C CYS A 312 -21.59 9.76 -0.76
N LEU A 313 -22.09 8.96 0.17
CA LEU A 313 -23.40 9.21 0.74
C LEU A 313 -23.38 10.57 1.46
N VAL A 314 -22.31 10.82 2.20
CA VAL A 314 -22.16 12.09 2.88
C VAL A 314 -21.99 13.22 1.87
N GLY A 315 -21.08 13.04 0.92
CA GLY A 315 -20.90 14.03 -0.14
C GLY A 315 -22.19 14.40 -0.88
N GLY A 316 -22.91 13.40 -1.35
CA GLY A 316 -24.13 13.63 -2.10
C GLY A 316 -25.19 14.32 -1.26
N THR A 317 -25.31 13.92 0.01
CA THR A 317 -26.27 14.54 0.91
C THR A 317 -25.88 16.00 1.21
N VAL A 318 -24.61 16.25 1.51
CA VAL A 318 -24.17 17.62 1.81
C VAL A 318 -24.34 18.55 0.59
N ALA A 319 -23.99 18.06 -0.60
CA ALA A 319 -24.14 18.81 -1.85
C ALA A 319 -25.59 19.22 -2.08
N SER A 320 -26.51 18.30 -1.86
CA SER A 320 -27.93 18.58 -2.07
C SER A 320 -28.46 19.57 -1.04
N LEU A 321 -28.06 19.38 0.22
CA LEU A 321 -28.44 20.28 1.31
C LEU A 321 -27.89 21.67 1.01
N SER A 322 -26.67 21.72 0.50
CA SER A 322 -26.01 22.98 0.14
C SER A 322 -26.74 23.69 -1.00
N ASP A 323 -27.45 22.95 -1.83
CA ASP A 323 -28.18 23.57 -2.93
C ASP A 323 -29.65 23.80 -2.62
N GLY A 324 -30.05 23.60 -1.37
CA GLY A 324 -31.38 23.99 -0.94
C GLY A 324 -32.44 22.92 -0.88
N LEU A 325 -32.10 21.69 -1.26
CA LEU A 325 -33.02 20.55 -1.15
C LEU A 325 -33.21 20.23 0.32
N ASP A 326 -34.31 19.56 0.66
CA ASP A 326 -34.51 19.16 2.04
C ASP A 326 -33.79 17.83 2.33
N LEU A 327 -33.80 17.41 3.58
CA LEU A 327 -32.99 16.27 4.03
C LEU A 327 -33.42 14.92 3.46
N ILE A 328 -34.71 14.74 3.20
CA ILE A 328 -35.18 13.50 2.61
C ILE A 328 -34.74 13.42 1.14
N GLN A 329 -34.91 14.52 0.41
CA GLN A 329 -34.41 14.58 -0.95
C GLN A 329 -32.90 14.40 -1.00
N SER A 330 -32.19 15.07 -0.07
CA SER A 330 -30.73 15.06 -0.10
C SER A 330 -30.14 13.70 0.18
N LEU A 331 -30.73 12.98 1.13
CA LEU A 331 -30.29 11.62 1.45
C LEU A 331 -30.48 10.70 0.25
N ALA A 332 -31.60 10.86 -0.46
CA ALA A 332 -31.86 10.08 -1.66
C ALA A 332 -30.70 10.27 -2.65
N VAL A 333 -30.31 11.51 -2.87
CA VAL A 333 -29.13 11.78 -3.69
C VAL A 333 -27.87 11.15 -3.12
N GLY A 334 -27.71 11.21 -1.80
CA GLY A 334 -26.52 10.63 -1.19
C GLY A 334 -26.47 9.13 -1.47
N ILE A 335 -27.63 8.49 -1.38
CA ILE A 335 -27.67 7.05 -1.60
C ILE A 335 -27.42 6.75 -3.07
N ALA A 336 -27.92 7.60 -3.99
CA ALA A 336 -27.56 7.42 -5.40
C ALA A 336 -26.05 7.54 -5.65
N SER A 337 -25.42 8.49 -5.00
CA SER A 337 -23.98 8.74 -5.15
C SER A 337 -23.17 7.59 -4.58
N ALA A 338 -23.63 7.02 -3.47
CA ALA A 338 -22.96 5.88 -2.87
C ALA A 338 -23.00 4.66 -3.79
N LYS A 339 -24.14 4.48 -4.44
CA LYS A 339 -24.29 3.39 -5.38
C LYS A 339 -23.30 3.54 -6.51
N ALA A 340 -23.21 4.74 -7.08
CA ALA A 340 -22.23 5.01 -8.13
C ALA A 340 -20.81 4.70 -7.66
N ALA A 341 -20.51 5.01 -6.40
CA ALA A 341 -19.19 4.76 -5.84
C ALA A 341 -18.83 3.27 -5.70
N VAL A 342 -19.78 2.42 -5.32
CA VAL A 342 -19.43 1.01 -5.08
C VAL A 342 -19.16 0.30 -6.42
N GLU A 343 -19.59 0.93 -7.50
CA GLU A 343 -19.38 0.43 -8.83
C GLU A 343 -18.13 1.04 -9.45
N SER A 344 -17.28 1.64 -8.63
CA SER A 344 -16.02 2.17 -9.15
C SER A 344 -14.85 1.59 -8.39
N ASP A 345 -13.68 1.55 -9.01
CA ASP A 345 -12.49 1.16 -8.28
C ASP A 345 -12.01 2.33 -7.43
N ASP A 346 -12.33 3.55 -7.86
CA ASP A 346 -12.00 4.72 -7.06
C ASP A 346 -12.91 4.77 -5.84
N ASN A 347 -12.51 5.54 -4.83
CA ASN A 347 -13.38 5.79 -3.70
C ASN A 347 -14.55 6.68 -4.11
N VAL A 348 -14.24 7.63 -4.98
CA VAL A 348 -15.22 8.53 -5.58
C VAL A 348 -15.07 8.38 -7.08
N PRO A 349 -16.18 8.15 -7.82
CA PRO A 349 -16.11 7.95 -9.27
C PRO A 349 -15.46 9.13 -9.99
N PRO A 350 -14.77 8.84 -11.11
CA PRO A 350 -14.15 9.88 -11.92
C PRO A 350 -15.13 10.99 -12.27
N GLU A 351 -16.39 10.61 -12.38
CA GLU A 351 -17.43 11.57 -12.70
C GLU A 351 -18.78 11.04 -12.25
N PHE A 352 -19.73 11.94 -12.06
CA PHE A 352 -21.11 11.55 -11.85
C PHE A 352 -21.89 11.94 -13.08
N LYS A 353 -22.87 11.13 -13.45
CA LYS A 353 -23.80 11.50 -14.50
C LYS A 353 -25.15 11.84 -13.90
N LEU A 354 -25.59 13.08 -14.12
CA LEU A 354 -26.67 13.62 -13.33
C LEU A 354 -27.98 12.94 -13.66
N ASP A 355 -28.11 12.43 -14.87
CA ASP A 355 -29.32 11.68 -15.22
C ASP A 355 -29.34 10.36 -14.44
N LEU A 356 -28.18 9.77 -14.21
CA LEU A 356 -28.14 8.55 -13.41
C LEU A 356 -28.44 8.82 -11.94
N ILE A 357 -27.78 9.84 -11.40
CA ILE A 357 -27.97 10.24 -10.01
C ILE A 357 -29.42 10.60 -9.75
N SER A 358 -29.99 11.40 -10.64
CA SER A 358 -31.39 11.77 -10.53
C SER A 358 -32.31 10.56 -10.59
N GLY A 359 -32.08 9.70 -11.57
CA GLY A 359 -32.91 8.51 -11.72
C GLY A 359 -32.89 7.66 -10.46
N ASP A 360 -31.70 7.40 -9.97
CA ASP A 360 -31.49 6.60 -8.77
C ASP A 360 -32.09 7.25 -7.53
N ALA A 361 -31.92 8.57 -7.42
CA ALA A 361 -32.44 9.28 -6.28
C ALA A 361 -33.96 9.16 -6.24
N GLU A 362 -34.60 9.24 -7.40
CA GLU A 362 -36.06 9.11 -7.43
C GLU A 362 -36.55 7.75 -6.96
N LEU A 363 -35.90 6.70 -7.46
CA LEU A 363 -36.18 5.33 -7.07
C LEU A 363 -36.06 5.12 -5.56
N VAL A 364 -34.94 5.56 -5.00
CA VAL A 364 -34.71 5.46 -3.55
C VAL A 364 -35.80 6.23 -2.81
N TYR A 365 -36.03 7.45 -3.27
CA TYR A 365 -36.95 8.38 -2.64
C TYR A 365 -38.40 7.85 -2.64
N ASN A 366 -38.85 7.33 -3.78
CA ASN A 366 -40.21 6.80 -3.91
C ASN A 366 -40.37 5.49 -3.16
N GLY A 367 -39.25 4.82 -2.94
CA GLY A 367 -39.22 3.58 -2.19
C GLY A 367 -39.09 3.76 -0.67
N ALA A 368 -38.88 5.00 -0.20
CA ALA A 368 -38.62 5.22 1.24
C ALA A 368 -39.90 5.12 2.10
N LYS A 369 -39.78 4.57 3.31
CA LYS A 369 -40.96 4.35 4.15
C LYS A 369 -40.76 4.79 5.59
N MET A 370 -41.86 5.20 6.22
CA MET A 370 -41.90 5.50 7.64
C MET A 370 -41.81 4.23 8.49
N LEU A 371 -41.05 4.30 9.57
CA LEU A 371 -41.02 3.22 10.56
C LEU A 371 -41.84 3.70 11.75
N MET A 372 -42.13 2.80 12.68
CA MET A 372 -43.01 3.13 13.81
C MET A 372 -44.37 3.61 13.33
N VAL A 373 -44.91 2.96 12.30
CA VAL A 373 -46.20 3.37 11.77
C VAL A 373 -47.31 2.88 12.69
N HIS A 374 -47.25 1.61 13.07
CA HIS A 374 -48.27 1.01 13.92
C HIS A 374 -48.04 1.34 15.40
N GLN A 375 -46.82 1.77 15.74
CA GLN A 375 -46.52 2.18 17.11
C GLN A 375 -46.99 3.61 17.34
N SER A 376 -46.96 4.04 18.59
CA SER A 376 -47.46 5.37 18.95
C SER A 376 -46.85 5.87 20.26
N MET A 377 -46.28 4.93 21.01
CA MET A 377 -45.67 5.23 22.31
C MET A 377 -46.60 6.02 23.23
N MET B 1 31.66 0.83 -19.26
CA MET B 1 31.04 -0.46 -19.57
C MET B 1 30.10 -0.89 -18.44
N GLU B 2 29.10 -0.08 -18.17
CA GLU B 2 28.30 -0.26 -16.96
C GLU B 2 27.73 -1.67 -16.79
N PRO B 3 27.69 -2.17 -15.54
CA PRO B 3 26.98 -3.41 -15.34
C PRO B 3 25.53 -3.13 -15.71
N VAL B 4 24.88 -4.08 -16.37
CA VAL B 4 23.50 -3.89 -16.77
C VAL B 4 22.57 -4.74 -15.93
N ILE B 5 21.53 -4.10 -15.39
CA ILE B 5 20.61 -4.72 -14.45
C ILE B 5 19.20 -4.78 -15.04
N ILE B 6 18.63 -5.97 -15.13
CA ILE B 6 17.31 -6.10 -15.77
C ILE B 6 16.34 -6.86 -14.85
N GLY B 7 15.19 -6.27 -14.61
CA GLY B 7 14.16 -6.96 -13.86
C GLY B 7 13.14 -6.03 -13.21
N ALA B 8 12.64 -6.43 -12.06
CA ALA B 8 11.51 -5.76 -11.46
C ALA B 8 11.85 -4.44 -10.76
N LEU B 9 11.00 -3.45 -11.01
CA LEU B 9 10.85 -2.29 -10.13
C LEU B 9 9.49 -2.42 -9.46
N ILE B 10 9.51 -2.55 -8.13
CA ILE B 10 8.30 -2.85 -7.40
C ILE B 10 8.13 -1.92 -6.19
N LEU B 11 6.94 -1.38 -5.97
CA LEU B 11 6.71 -0.68 -4.71
C LEU B 11 6.26 -1.67 -3.65
N ASP B 12 7.10 -1.84 -2.62
CA ASP B 12 6.74 -2.66 -1.46
C ASP B 12 5.94 -1.81 -0.47
N VAL B 13 4.82 -2.33 0.00
CA VAL B 13 4.02 -1.69 1.02
C VAL B 13 3.97 -2.57 2.26
N HIS B 14 4.51 -2.08 3.36
CA HIS B 14 4.57 -2.87 4.58
C HIS B 14 3.65 -2.28 5.63
N ALA B 15 2.59 -3.00 5.94
CA ALA B 15 1.60 -2.53 6.90
C ALA B 15 1.73 -3.25 8.25
N LYS B 16 2.24 -2.50 9.23
CA LYS B 16 2.49 -2.93 10.61
C LYS B 16 1.44 -2.45 11.60
N PRO B 17 0.58 -3.37 12.07
CA PRO B 17 -0.52 -3.01 12.98
C PRO B 17 -0.04 -2.74 14.42
N SER B 18 -0.78 -1.92 15.15
CA SER B 18 -0.41 -1.67 16.54
C SER B 18 -1.02 -2.73 17.48
N THR B 19 -2.20 -3.22 17.10
CA THR B 19 -2.91 -4.26 17.85
C THR B 19 -3.53 -5.29 16.91
N THR B 20 -4.77 -5.70 17.21
CA THR B 20 -5.48 -6.74 16.47
C THR B 20 -6.24 -6.29 15.19
N PRO B 21 -5.77 -6.73 14.00
CA PRO B 21 -6.47 -6.46 12.73
C PRO B 21 -7.87 -7.06 12.72
N ILE B 22 -8.84 -6.28 12.25
CA ILE B 22 -10.24 -6.67 12.29
C ILE B 22 -10.97 -6.56 10.95
N SER B 23 -11.62 -7.65 10.54
CA SER B 23 -12.57 -7.65 9.42
C SER B 23 -13.43 -6.39 9.35
N GLY B 24 -13.57 -5.84 8.15
CA GLY B 24 -14.50 -4.75 7.90
C GLY B 24 -13.97 -3.37 8.24
N THR B 25 -12.81 -3.30 8.89
CA THR B 25 -12.24 -2.01 9.24
C THR B 25 -10.71 -2.04 9.45
N THR B 26 -10.15 -0.86 9.74
CA THR B 26 -8.72 -0.70 9.92
C THR B 26 -8.28 -0.70 11.39
N VAL B 27 -7.19 -1.41 11.69
CA VAL B 27 -6.52 -1.22 12.97
C VAL B 27 -5.47 -0.13 12.75
N PRO B 28 -5.24 0.72 13.77
CA PRO B 28 -4.17 1.70 13.62
C PRO B 28 -2.81 1.03 13.56
N GLY B 29 -1.89 1.70 12.89
CA GLY B 29 -0.53 1.20 12.83
C GLY B 29 0.28 2.09 11.92
N GLN B 30 1.38 1.53 11.44
CA GLN B 30 2.33 2.20 10.56
C GLN B 30 2.33 1.54 9.18
N VAL B 31 2.22 2.34 8.12
CA VAL B 31 2.35 1.80 6.78
C VAL B 31 3.58 2.38 6.13
N LEU B 32 4.48 1.53 5.64
CA LEU B 32 5.71 2.03 5.07
C LEU B 32 5.79 1.66 3.58
N PHE B 33 6.25 2.61 2.78
CA PHE B 33 6.59 2.41 1.40
C PHE B 33 8.09 2.14 1.31
N ALA B 34 8.48 1.07 0.64
CA ALA B 34 9.89 0.86 0.36
C ALA B 34 10.08 0.52 -1.12
N PRO B 35 10.85 1.35 -1.83
CA PRO B 35 11.22 1.01 -3.22
C PRO B 35 11.81 -0.39 -3.28
N GLY B 36 11.29 -1.24 -4.17
CA GLY B 36 11.67 -2.65 -4.16
C GLY B 36 11.82 -3.26 -5.55
N GLY B 37 11.76 -4.59 -5.61
CA GLY B 37 12.06 -5.31 -6.84
C GLY B 37 13.53 -5.68 -6.77
N VAL B 38 13.85 -6.94 -7.04
CA VAL B 38 15.21 -7.44 -6.87
C VAL B 38 16.17 -6.62 -7.70
N ALA B 39 15.85 -6.45 -8.98
CA ALA B 39 16.71 -5.72 -9.89
C ALA B 39 16.88 -4.25 -9.51
N ARG B 40 15.79 -3.57 -9.20
CA ARG B 40 15.88 -2.18 -8.77
C ARG B 40 16.75 -2.06 -7.50
N ASN B 41 16.60 -3.00 -6.58
CA ASN B 41 17.37 -3.00 -5.35
C ASN B 41 18.86 -3.17 -5.62
N VAL B 42 19.18 -4.09 -6.52
CA VAL B 42 20.55 -4.36 -6.86
C VAL B 42 21.15 -3.12 -7.50
N ALA B 43 20.40 -2.49 -8.41
CA ALA B 43 20.90 -1.29 -9.07
C ALA B 43 21.12 -0.17 -8.04
N ASP B 44 20.17 -0.05 -7.12
CA ASP B 44 20.26 0.95 -6.05
C ASP B 44 21.51 0.71 -5.20
N CYS B 45 21.70 -0.54 -4.81
CA CYS B 45 22.82 -0.93 -3.95
C CYS B 45 24.17 -0.67 -4.63
N ILE B 46 24.26 -1.04 -5.92
CA ILE B 46 25.47 -0.83 -6.70
C ILE B 46 25.83 0.65 -6.78
N PHE B 47 24.80 1.47 -7.04
CA PHE B 47 24.99 2.90 -7.19
C PHE B 47 25.47 3.50 -5.85
N LYS B 48 24.90 3.04 -4.75
CA LYS B 48 25.30 3.58 -3.44
C LYS B 48 26.71 3.15 -3.05
N LEU B 49 27.23 2.12 -3.71
CA LEU B 49 28.61 1.68 -3.48
C LEU B 49 29.58 2.36 -4.45
N GLY B 50 29.10 3.27 -5.28
CA GLY B 50 29.98 4.08 -6.11
C GLY B 50 30.14 3.65 -7.56
N ILE B 51 29.36 2.64 -7.98
CA ILE B 51 29.36 2.16 -9.36
C ILE B 51 28.05 2.51 -10.03
N THR B 52 28.10 3.06 -11.24
CA THR B 52 26.90 3.38 -12.01
C THR B 52 26.45 2.18 -12.87
N PRO B 53 25.27 1.64 -12.57
CA PRO B 53 24.68 0.56 -13.35
C PRO B 53 23.72 1.09 -14.40
N PHE B 54 23.35 0.27 -15.37
CA PHE B 54 22.30 0.66 -16.30
C PHE B 54 21.10 -0.25 -16.07
N MET B 55 19.98 0.36 -15.79
CA MET B 55 18.78 -0.36 -15.38
C MET B 55 17.79 -0.52 -16.52
N ILE B 56 17.31 -1.73 -16.73
CA ILE B 56 16.27 -1.98 -17.72
C ILE B 56 15.06 -2.54 -17.02
N GLY B 57 13.91 -1.91 -17.20
CA GLY B 57 12.71 -2.36 -16.55
C GLY B 57 11.49 -1.70 -17.16
N THR B 58 10.39 -1.75 -16.41
CA THR B 58 9.13 -1.16 -16.86
C THR B 58 8.30 -0.62 -15.68
N LEU B 59 7.65 0.52 -15.90
CA LEU B 59 6.83 1.21 -14.91
C LEU B 59 5.60 1.83 -15.56
N GLY B 60 4.57 2.08 -14.75
CA GLY B 60 3.43 2.83 -15.26
C GLY B 60 3.71 4.33 -15.23
N LEU B 61 2.75 5.10 -15.73
CA LEU B 61 2.76 6.56 -15.57
C LEU B 61 1.68 6.90 -14.54
N ASP B 62 1.84 6.32 -13.35
CA ASP B 62 0.84 6.36 -12.31
C ASP B 62 1.44 6.79 -10.99
N GLY B 63 0.60 6.80 -9.96
CA GLY B 63 1.02 7.18 -8.63
C GLY B 63 2.16 6.36 -8.02
N PRO B 64 2.03 5.02 -8.06
CA PRO B 64 3.12 4.22 -7.50
C PRO B 64 4.46 4.51 -8.17
N ALA B 65 4.45 4.72 -9.48
CA ALA B 65 5.67 5.06 -10.21
C ALA B 65 6.27 6.36 -9.69
N ASN B 66 5.40 7.32 -9.41
CA ASN B 66 5.85 8.60 -8.86
C ASN B 66 6.53 8.41 -7.51
N VAL B 67 5.92 7.61 -6.63
CA VAL B 67 6.52 7.34 -5.34
C VAL B 67 7.86 6.65 -5.52
N LEU B 68 7.90 5.63 -6.39
CA LEU B 68 9.11 4.85 -6.64
C LEU B 68 10.25 5.65 -7.18
N LEU B 69 9.94 6.58 -8.07
CA LEU B 69 10.97 7.33 -8.78
C LEU B 69 11.35 8.60 -8.06
N LYS B 70 10.65 8.93 -6.98
CA LYS B 70 10.93 10.18 -6.25
C LYS B 70 12.43 10.36 -5.97
N GLU B 71 13.11 9.32 -5.51
CA GLU B 71 14.53 9.49 -5.20
C GLU B 71 15.47 8.76 -6.17
N TRP B 72 14.94 8.37 -7.34
CA TRP B 72 15.74 7.71 -8.38
C TRP B 72 16.61 8.74 -9.12
N LYS B 73 17.92 8.57 -9.09
CA LYS B 73 18.84 9.55 -9.68
C LYS B 73 19.62 8.99 -10.86
N LEU B 74 19.19 7.85 -11.36
CA LEU B 74 19.85 7.21 -12.50
C LEU B 74 19.06 7.41 -13.77
N SER B 75 19.67 7.09 -14.91
CA SER B 75 18.99 7.18 -16.19
C SER B 75 17.68 6.39 -16.20
N MET B 76 16.73 6.89 -16.97
CA MET B 76 15.41 6.29 -17.14
C MET B 76 15.30 5.71 -18.55
N LYS B 77 16.41 5.76 -19.27
CA LYS B 77 16.44 5.39 -20.68
C LYS B 77 15.99 3.95 -20.92
N GLY B 78 16.35 3.06 -20.00
CA GLY B 78 16.06 1.65 -20.14
C GLY B 78 14.73 1.24 -19.55
N ILE B 79 13.98 2.20 -19.06
CA ILE B 79 12.72 1.91 -18.40
C ILE B 79 11.54 2.19 -19.32
N LEU B 80 10.88 1.14 -19.76
CA LEU B 80 9.66 1.25 -20.56
C LEU B 80 8.51 1.77 -19.69
N ARG B 81 7.97 2.92 -20.05
CA ARG B 81 6.82 3.49 -19.34
C ARG B 81 5.67 3.75 -20.30
N ARG B 82 4.48 3.28 -19.94
CA ARG B 82 3.29 3.48 -20.77
C ARG B 82 2.07 3.70 -19.89
N GLU B 83 1.02 4.30 -20.44
CA GLU B 83 -0.09 4.71 -19.61
C GLU B 83 -1.00 3.52 -19.26
N ASP B 84 -0.91 2.47 -20.05
CA ASP B 84 -1.66 1.25 -19.78
C ASP B 84 -0.94 0.25 -18.87
N ILE B 85 0.20 0.65 -18.31
CA ILE B 85 0.94 -0.23 -17.39
C ILE B 85 0.66 0.12 -15.95
N SER B 86 0.26 -0.86 -15.16
CA SER B 86 0.12 -0.71 -13.72
C SER B 86 1.43 -1.10 -13.05
N THR B 87 2.04 -0.14 -12.40
CA THR B 87 3.29 -0.33 -11.68
C THR B 87 3.17 -1.43 -10.62
N PRO B 88 4.10 -2.38 -10.65
CA PRO B 88 4.03 -3.46 -9.66
C PRO B 88 4.03 -2.97 -8.21
N ILE B 89 3.20 -3.62 -7.40
CA ILE B 89 3.13 -3.36 -5.99
C ILE B 89 2.98 -4.68 -5.26
N VAL B 90 3.74 -4.88 -4.20
CA VAL B 90 3.49 -5.99 -3.30
C VAL B 90 2.99 -5.39 -1.99
N SER B 91 1.79 -5.79 -1.57
CA SER B 91 1.24 -5.24 -0.34
C SER B 91 1.15 -6.31 0.71
N LEU B 92 1.84 -6.08 1.83
CA LEU B 92 1.86 -7.00 2.95
C LEU B 92 1.21 -6.33 4.17
N VAL B 93 0.28 -7.02 4.80
CA VAL B 93 -0.26 -6.61 6.08
C VAL B 93 0.20 -7.61 7.16
N TYR B 94 0.95 -7.13 8.15
CA TYR B 94 1.50 -8.04 9.17
C TYR B 94 0.56 -8.27 10.34
N ASP B 95 0.86 -9.29 11.13
CA ASP B 95 0.28 -9.44 12.43
C ASP B 95 1.30 -8.93 13.45
N THR B 96 0.93 -8.92 14.73
CA THR B 96 1.78 -8.32 15.76
C THR B 96 2.99 -9.18 16.18
N ASN B 97 3.01 -10.44 15.76
CA ASN B 97 4.20 -11.27 15.97
C ASN B 97 5.24 -11.06 14.86
N GLY B 98 4.82 -10.35 13.81
CA GLY B 98 5.72 -10.02 12.71
C GLY B 98 5.56 -10.88 11.48
N GLU B 99 4.52 -11.69 11.45
CA GLU B 99 4.26 -12.55 10.30
C GLU B 99 3.21 -11.93 9.38
N VAL B 100 3.25 -12.33 8.11
CA VAL B 100 2.32 -11.83 7.11
C VAL B 100 0.94 -12.39 7.40
N ALA B 101 -0.02 -11.51 7.67
CA ALA B 101 -1.39 -11.93 7.91
C ALA B 101 -2.14 -12.10 6.58
N ALA B 102 -1.83 -11.22 5.63
CA ALA B 102 -2.45 -11.22 4.31
C ALA B 102 -1.60 -10.38 3.39
N GLY B 103 -1.33 -10.88 2.19
CA GLY B 103 -0.45 -10.22 1.27
C GLY B 103 -0.96 -10.37 -0.14
N VAL B 104 -0.78 -9.34 -0.95
CA VAL B 104 -1.15 -9.39 -2.35
C VAL B 104 -0.05 -8.82 -3.24
N ALA B 105 0.33 -9.60 -4.25
CA ALA B 105 1.33 -9.16 -5.21
C ALA B 105 0.65 -8.86 -6.54
N GLY B 106 0.80 -7.62 -7.02
CA GLY B 106 0.32 -7.25 -8.34
C GLY B 106 1.53 -6.84 -9.14
N VAL B 107 2.21 -7.79 -9.78
CA VAL B 107 3.49 -7.51 -10.43
C VAL B 107 3.57 -8.04 -11.86
N ASP B 108 2.40 -8.27 -12.46
CA ASP B 108 2.32 -8.93 -13.76
C ASP B 108 2.91 -8.10 -14.90
N ALA B 109 3.03 -6.80 -14.69
CA ALA B 109 3.58 -5.90 -15.72
C ALA B 109 4.99 -6.28 -16.18
N VAL B 110 5.78 -6.87 -15.29
CA VAL B 110 7.14 -7.21 -15.66
C VAL B 110 7.14 -8.23 -16.78
N GLU B 111 6.42 -9.33 -16.54
CA GLU B 111 6.27 -10.37 -17.54
C GLU B 111 5.54 -9.88 -18.78
N ASN B 112 4.52 -9.04 -18.61
CA ASN B 112 3.71 -8.69 -19.77
C ASN B 112 4.32 -7.58 -20.61
N PHE B 113 5.10 -6.70 -20.00
CA PHE B 113 5.59 -5.55 -20.76
C PHE B 113 7.11 -5.48 -20.92
N LEU B 114 7.87 -6.15 -20.06
CA LEU B 114 9.31 -6.17 -20.26
C LEU B 114 9.70 -7.27 -21.25
N THR B 115 9.51 -6.99 -22.53
CA THR B 115 9.57 -8.03 -23.58
C THR B 115 10.96 -8.20 -24.14
N PRO B 116 11.20 -9.32 -24.86
CA PRO B 116 12.48 -9.44 -25.59
C PRO B 116 12.71 -8.27 -26.55
N GLU B 117 11.63 -7.76 -27.14
CA GLU B 117 11.72 -6.65 -28.09
C GLU B 117 12.24 -5.39 -27.40
N TRP B 118 11.70 -5.09 -26.23
CA TRP B 118 12.18 -3.95 -25.46
C TRP B 118 13.65 -4.15 -25.12
N ILE B 119 13.97 -5.34 -24.63
CA ILE B 119 15.34 -5.63 -24.22
C ILE B 119 16.36 -5.52 -25.36
N GLN B 120 15.97 -5.96 -26.55
CA GLN B 120 16.89 -5.92 -27.70
C GLN B 120 17.26 -4.48 -28.15
N ARG B 121 16.45 -3.50 -27.78
CA ARG B 121 16.80 -2.08 -27.97
C ARG B 121 18.12 -1.72 -27.27
N PHE B 122 18.56 -2.53 -26.32
CA PHE B 122 19.78 -2.21 -25.56
C PHE B 122 20.88 -3.23 -25.80
N GLU B 123 20.87 -3.84 -26.98
CA GLU B 123 21.89 -4.82 -27.31
C GLU B 123 23.27 -4.21 -27.14
N TYR B 124 23.42 -2.94 -27.50
CA TYR B 124 24.70 -2.27 -27.37
C TYR B 124 25.12 -2.25 -25.91
N ASN B 125 24.21 -1.81 -25.03
CA ASN B 125 24.52 -1.73 -23.59
C ASN B 125 24.85 -3.10 -22.99
N ILE B 126 24.10 -4.11 -23.39
CA ILE B 126 24.31 -5.45 -22.85
C ILE B 126 25.62 -6.05 -23.35
N SER B 127 25.89 -5.96 -24.65
CA SER B 127 27.07 -6.60 -25.22
C SER B 127 28.36 -5.94 -24.72
N SER B 128 28.26 -4.69 -24.28
CA SER B 128 29.44 -3.99 -23.77
C SER B 128 29.48 -3.96 -22.23
N ALA B 129 28.51 -4.60 -21.58
CA ALA B 129 28.44 -4.60 -20.13
C ALA B 129 29.59 -5.38 -19.52
N ARG B 130 30.09 -4.91 -18.39
CA ARG B 130 31.08 -5.67 -17.63
C ARG B 130 30.42 -6.87 -16.96
N LEU B 131 29.11 -6.76 -16.70
CA LEU B 131 28.35 -7.89 -16.15
C LEU B 131 26.84 -7.64 -16.39
N LEU B 132 26.10 -8.72 -16.64
CA LEU B 132 24.65 -8.64 -16.80
C LEU B 132 23.98 -9.34 -15.63
N MET B 133 23.08 -8.62 -14.97
CA MET B 133 22.34 -9.17 -13.86
C MET B 133 20.87 -9.23 -14.25
N VAL B 134 20.28 -10.42 -14.26
CA VAL B 134 18.86 -10.54 -14.54
C VAL B 134 18.15 -11.13 -13.33
N ASP B 135 16.94 -10.67 -13.04
CA ASP B 135 16.18 -11.34 -11.99
C ASP B 135 15.08 -12.19 -12.62
N ALA B 136 14.57 -13.11 -11.84
CA ALA B 136 13.65 -14.12 -12.33
C ALA B 136 12.21 -13.61 -12.42
N ASN B 137 11.99 -12.33 -12.10
CA ASN B 137 10.68 -11.73 -12.36
C ASN B 137 10.48 -11.56 -13.87
N LEU B 138 11.60 -11.54 -14.62
CA LEU B 138 11.52 -11.50 -16.07
C LEU B 138 10.81 -12.74 -16.60
N SER B 139 10.08 -12.59 -17.69
CA SER B 139 9.53 -13.76 -18.36
C SER B 139 10.67 -14.62 -18.91
N SER B 140 10.39 -15.91 -19.10
CA SER B 140 11.38 -16.82 -19.68
C SER B 140 11.91 -16.34 -21.04
N LEU B 141 11.02 -15.78 -21.85
CA LEU B 141 11.44 -15.26 -23.15
C LEU B 141 12.34 -14.05 -22.97
N ALA B 142 11.99 -13.17 -22.03
CA ALA B 142 12.86 -12.03 -21.71
C ALA B 142 14.20 -12.52 -21.17
N LEU B 143 14.17 -13.59 -20.38
CA LEU B 143 15.42 -14.13 -19.81
C LEU B 143 16.33 -14.69 -20.90
N GLU B 144 15.74 -15.44 -21.82
CA GLU B 144 16.46 -16.06 -22.93
C GLU B 144 17.09 -15.01 -23.83
N ALA B 145 16.30 -13.99 -24.20
CA ALA B 145 16.82 -12.91 -25.03
C ALA B 145 18.02 -12.21 -24.37
N SER B 146 17.88 -11.85 -23.09
CA SER B 146 18.94 -11.18 -22.34
C SER B 146 20.25 -11.95 -22.30
N CYS B 147 20.13 -13.20 -21.87
CA CYS B 147 21.26 -14.06 -21.61
C CYS B 147 21.95 -14.48 -22.92
N LYS B 148 21.20 -14.60 -24.01
CA LYS B 148 21.82 -14.93 -25.29
C LYS B 148 22.63 -13.76 -25.82
N LEU B 149 22.14 -12.53 -25.64
CA LEU B 149 22.88 -11.36 -26.04
C LEU B 149 24.19 -11.28 -25.24
N ALA B 150 24.11 -11.55 -23.94
CA ALA B 150 25.31 -11.54 -23.08
C ALA B 150 26.31 -12.64 -23.45
N ALA B 151 25.81 -13.86 -23.66
CA ALA B 151 26.67 -15.00 -23.99
C ALA B 151 27.45 -14.77 -25.29
N GLU B 152 26.77 -14.22 -26.28
CA GLU B 152 27.37 -13.99 -27.59
C GLU B 152 28.46 -12.92 -27.54
N SER B 153 28.52 -12.18 -26.45
CA SER B 153 29.57 -11.19 -26.29
C SER B 153 30.45 -11.54 -25.12
N SER B 154 30.35 -12.80 -24.67
CA SER B 154 31.03 -13.32 -23.49
C SER B 154 30.92 -12.41 -22.26
N VAL B 155 29.73 -11.87 -22.04
CA VAL B 155 29.44 -11.12 -20.84
C VAL B 155 28.94 -12.05 -19.73
N PRO B 156 29.57 -12.01 -18.56
CA PRO B 156 29.12 -12.85 -17.45
C PRO B 156 27.67 -12.52 -17.06
N VAL B 157 26.87 -13.54 -16.76
CA VAL B 157 25.47 -13.37 -16.37
C VAL B 157 25.24 -13.82 -14.92
N TRP B 158 24.61 -12.95 -14.13
CA TRP B 158 24.18 -13.28 -12.78
C TRP B 158 22.65 -13.42 -12.78
N PHE B 159 22.17 -14.61 -12.45
CA PHE B 159 20.73 -14.85 -12.36
C PHE B 159 20.30 -14.85 -10.89
N GLU B 160 19.39 -13.94 -10.55
CA GLU B 160 18.82 -13.87 -9.19
C GLU B 160 17.48 -14.59 -9.17
N PRO B 161 17.39 -15.66 -8.38
CA PRO B 161 16.25 -16.58 -8.48
C PRO B 161 14.92 -16.02 -7.95
N VAL B 162 14.99 -14.94 -7.15
CA VAL B 162 13.85 -14.20 -6.60
C VAL B 162 12.97 -15.01 -5.63
N SER B 163 12.44 -16.14 -6.07
CA SER B 163 11.57 -16.94 -5.19
C SER B 163 11.63 -18.39 -5.61
N VAL B 164 11.08 -19.27 -4.77
CA VAL B 164 11.09 -20.70 -5.07
C VAL B 164 10.43 -21.01 -6.42
N THR B 165 9.31 -20.36 -6.69
CA THR B 165 8.56 -20.57 -7.93
C THR B 165 9.32 -20.05 -9.16
N LYS B 166 9.71 -18.77 -9.10
CA LYS B 166 10.34 -18.13 -10.24
C LYS B 166 11.75 -18.62 -10.48
N SER B 167 12.36 -19.23 -9.46
CA SER B 167 13.73 -19.72 -9.60
C SER B 167 13.81 -20.78 -10.69
N GLN B 168 12.68 -21.45 -10.93
CA GLN B 168 12.64 -22.52 -11.90
C GLN B 168 12.77 -22.02 -13.33
N ARG B 169 12.68 -20.70 -13.54
CA ARG B 169 12.88 -20.13 -14.88
C ARG B 169 14.34 -20.27 -15.34
N ILE B 170 15.20 -20.69 -14.43
CA ILE B 170 16.57 -20.99 -14.78
C ILE B 170 16.67 -22.06 -15.88
N ALA B 171 15.64 -22.89 -16.05
CA ALA B 171 15.82 -24.12 -16.85
C ALA B 171 16.19 -23.88 -18.31
N SER B 172 15.68 -22.81 -18.91
CA SER B 172 15.94 -22.63 -20.35
C SER B 172 17.15 -21.72 -20.58
N ILE B 173 17.83 -21.31 -19.52
CA ILE B 173 18.99 -20.44 -19.72
C ILE B 173 20.24 -20.86 -18.97
N ALA B 174 20.22 -22.06 -18.39
CA ALA B 174 21.29 -22.48 -17.48
C ALA B 174 22.68 -22.38 -18.15
N LYS B 175 22.78 -22.82 -19.41
CA LYS B 175 24.06 -22.82 -20.14
C LYS B 175 24.61 -21.39 -20.32
N TYR B 176 23.73 -20.39 -20.25
CA TYR B 176 24.15 -18.99 -20.40
C TYR B 176 24.55 -18.32 -19.09
N VAL B 177 24.34 -18.99 -17.98
CA VAL B 177 24.48 -18.32 -16.69
C VAL B 177 25.83 -18.59 -16.02
N THR B 178 26.50 -17.52 -15.58
CA THR B 178 27.78 -17.67 -14.89
C THR B 178 27.55 -17.87 -13.39
N ILE B 179 26.71 -17.03 -12.80
CA ILE B 179 26.54 -17.01 -11.35
C ILE B 179 25.07 -17.04 -10.95
N VAL B 180 24.75 -17.85 -9.96
CA VAL B 180 23.41 -17.81 -9.38
C VAL B 180 23.53 -17.63 -7.87
N SER B 181 22.52 -16.99 -7.28
CA SER B 181 22.52 -16.70 -5.86
C SER B 181 21.23 -17.15 -5.13
N PRO B 182 20.89 -18.44 -5.17
CA PRO B 182 19.67 -18.90 -4.48
C PRO B 182 19.82 -19.01 -2.96
N ASN B 183 18.75 -18.86 -2.19
CA ASN B 183 18.77 -19.44 -0.84
C ASN B 183 18.55 -20.96 -0.95
N GLN B 184 18.48 -21.64 0.20
CA GLN B 184 18.36 -23.10 0.26
C GLN B 184 17.16 -23.61 -0.53
N ASP B 185 16.03 -22.94 -0.32
CA ASP B 185 14.77 -23.35 -0.93
C ASP B 185 14.83 -23.18 -2.42
N GLU B 186 15.34 -22.03 -2.87
CA GLU B 186 15.47 -21.76 -4.30
C GLU B 186 16.45 -22.72 -4.97
N LEU B 187 17.50 -23.11 -4.25
CA LEU B 187 18.48 -24.05 -4.80
C LEU B 187 17.87 -25.40 -5.13
N ILE B 188 17.02 -25.90 -4.25
CA ILE B 188 16.39 -27.20 -4.46
C ILE B 188 15.42 -27.13 -5.64
N ALA B 189 14.61 -26.07 -5.66
CA ALA B 189 13.68 -25.83 -6.75
C ALA B 189 14.41 -25.77 -8.09
N MET B 190 15.54 -25.08 -8.14
CA MET B 190 16.30 -24.96 -9.38
C MET B 190 16.87 -26.31 -9.80
N ALA B 191 17.43 -27.09 -8.86
CA ALA B 191 17.96 -28.41 -9.19
C ALA B 191 16.87 -29.34 -9.73
N ASN B 192 15.70 -29.31 -9.10
CA ASN B 192 14.58 -30.11 -9.56
C ASN B 192 14.17 -29.73 -10.98
N ALA B 193 14.09 -28.43 -11.26
CA ALA B 193 13.77 -27.96 -12.60
C ALA B 193 14.75 -28.49 -13.66
N LEU B 194 16.03 -28.55 -13.30
CA LEU B 194 17.05 -29.00 -14.24
C LEU B 194 17.20 -30.53 -14.38
N CYS B 195 16.72 -31.27 -13.39
CA CYS B 195 16.83 -32.75 -13.42
C CYS B 195 15.69 -33.43 -14.15
N ALA B 196 15.90 -34.66 -14.62
CA ALA B 196 14.86 -35.35 -15.34
C ALA B 196 13.86 -35.99 -14.38
N LYS B 197 14.06 -35.78 -13.09
CA LYS B 197 13.11 -36.20 -12.07
C LYS B 197 13.21 -35.23 -10.90
N ASN B 198 12.14 -35.12 -10.12
CA ASN B 198 12.16 -34.33 -8.90
C ASN B 198 12.77 -35.12 -7.75
N LEU B 199 14.10 -35.21 -7.73
CA LEU B 199 14.80 -36.04 -6.75
C LEU B 199 15.05 -35.33 -5.43
N PHE B 200 14.85 -34.01 -5.39
CA PHE B 200 15.17 -33.33 -4.14
C PHE B 200 13.90 -32.85 -3.45
N HIS B 201 13.95 -32.80 -2.13
CA HIS B 201 12.79 -32.52 -1.28
C HIS B 201 13.08 -31.30 -0.42
N PRO B 202 12.03 -30.58 0.00
CA PRO B 202 12.16 -29.30 0.73
C PRO B 202 12.57 -29.43 2.21
N PHE B 203 12.51 -28.31 2.94
CA PHE B 203 12.73 -28.27 4.39
C PHE B 203 11.45 -27.83 5.08
N GLU B 207 11.92 -28.74 11.45
CA GLU B 207 13.27 -29.24 11.24
C GLU B 207 14.31 -28.21 11.63
N ASN B 208 15.20 -28.58 12.55
CA ASN B 208 16.20 -27.65 13.06
C ASN B 208 17.17 -27.16 12.00
N LYS B 209 17.86 -26.06 12.31
CA LYS B 209 19.01 -25.62 11.54
C LYS B 209 20.15 -26.55 11.88
N LEU B 210 21.30 -26.34 11.25
CA LEU B 210 22.30 -27.39 11.25
C LEU B 210 23.67 -26.87 10.80
N SER B 211 24.73 -27.64 11.07
CA SER B 211 26.09 -27.14 10.90
C SER B 211 26.40 -26.83 9.45
N ILE B 212 27.46 -26.06 9.23
CA ILE B 212 27.79 -25.62 7.87
C ILE B 212 28.31 -26.75 6.98
N GLU B 213 29.22 -27.57 7.49
CA GLU B 213 29.73 -28.70 6.70
C GLU B 213 28.61 -29.67 6.31
N ASP B 214 27.66 -29.84 7.21
CA ASP B 214 26.56 -30.76 6.97
C ASP B 214 25.61 -30.15 5.94
N MET B 215 25.29 -28.88 6.12
CA MET B 215 24.41 -28.18 5.18
C MET B 215 24.97 -28.26 3.76
N PHE B 216 26.27 -28.05 3.64
CA PHE B 216 26.93 -28.19 2.35
C PHE B 216 26.79 -29.61 1.80
N ARG B 217 27.03 -30.60 2.65
CA ARG B 217 26.93 -31.99 2.23
C ARG B 217 25.53 -32.32 1.74
N ALA B 218 24.53 -31.84 2.47
CA ALA B 218 23.14 -32.03 2.09
C ALA B 218 22.81 -31.37 0.73
N LEU B 219 23.39 -30.20 0.50
CA LEU B 219 23.06 -29.41 -0.69
C LEU B 219 23.93 -29.77 -1.88
N LYS B 220 25.07 -30.40 -1.64
CA LYS B 220 26.05 -30.67 -2.70
C LYS B 220 25.45 -31.30 -3.98
N PRO B 221 24.59 -32.34 -3.86
CA PRO B 221 24.02 -32.91 -5.09
C PRO B 221 23.22 -31.91 -5.91
N ALA B 222 22.38 -31.09 -5.27
CA ALA B 222 21.61 -30.06 -5.95
C ALA B 222 22.54 -29.03 -6.60
N ILE B 223 23.62 -28.68 -5.91
CA ILE B 223 24.61 -27.75 -6.44
C ILE B 223 25.27 -28.34 -7.68
N LEU B 224 25.58 -29.63 -7.61
CA LEU B 224 26.23 -30.31 -8.73
C LEU B 224 25.33 -30.33 -9.97
N VAL B 225 24.03 -30.48 -9.77
CA VAL B 225 23.09 -30.43 -10.90
C VAL B 225 23.24 -29.09 -11.64
N LEU B 226 23.36 -28.00 -10.89
CA LEU B 226 23.48 -26.69 -11.53
C LEU B 226 24.78 -26.55 -12.33
N LEU B 227 25.89 -27.03 -11.76
CA LEU B 227 27.18 -26.92 -12.43
C LEU B 227 27.20 -27.77 -13.71
N LYS B 228 26.61 -28.95 -13.64
CA LYS B 228 26.69 -29.84 -14.79
C LYS B 228 25.77 -29.32 -15.88
N ASN B 229 24.88 -28.39 -15.53
CA ASN B 229 24.05 -27.77 -16.54
C ASN B 229 24.59 -26.44 -17.08
N GLY B 230 25.81 -26.09 -16.70
CA GLY B 230 26.49 -24.94 -17.26
C GLY B 230 26.72 -23.76 -16.32
N VAL B 231 26.10 -23.77 -15.15
CA VAL B 231 26.36 -22.68 -14.19
C VAL B 231 27.80 -22.79 -13.68
N LYS B 232 28.51 -21.67 -13.61
CA LYS B 232 29.91 -21.72 -13.20
C LYS B 232 30.09 -21.51 -11.72
N VAL B 233 29.24 -20.64 -11.15
CA VAL B 233 29.33 -20.27 -9.75
C VAL B 233 27.96 -20.34 -9.07
N VAL B 234 27.87 -21.10 -7.99
CA VAL B 234 26.65 -21.13 -7.20
C VAL B 234 26.89 -20.52 -5.81
N ILE B 235 26.25 -19.40 -5.54
CA ILE B 235 26.30 -18.79 -4.22
C ILE B 235 25.01 -19.15 -3.50
N VAL B 236 25.13 -19.97 -2.47
CA VAL B 236 23.94 -20.35 -1.72
C VAL B 236 23.85 -19.46 -0.47
N THR B 237 22.85 -18.61 -0.40
CA THR B 237 22.72 -17.74 0.76
C THR B 237 21.99 -18.46 1.90
N LEU B 238 22.51 -18.33 3.12
CA LEU B 238 22.03 -19.08 4.28
C LEU B 238 21.56 -18.22 5.45
N GLY B 239 21.08 -17.02 5.17
CA GLY B 239 20.61 -16.12 6.21
C GLY B 239 21.71 -15.80 7.21
N SER B 240 21.41 -15.95 8.50
CA SER B 240 22.38 -15.64 9.54
C SER B 240 23.57 -16.58 9.55
N ASN B 241 23.57 -17.60 8.69
CA ASN B 241 24.72 -18.50 8.61
C ASN B 241 25.66 -18.11 7.47
N GLY B 242 25.38 -16.98 6.82
CA GLY B 242 26.24 -16.46 5.77
C GLY B 242 25.94 -17.02 4.40
N ALA B 243 26.95 -17.55 3.73
CA ALA B 243 26.78 -18.07 2.38
C ALA B 243 27.79 -19.15 2.08
N LEU B 244 27.39 -20.07 1.20
CA LEU B 244 28.30 -21.06 0.63
C LEU B 244 28.69 -20.55 -0.73
N LEU B 245 29.95 -20.69 -1.09
CA LEU B 245 30.36 -20.35 -2.45
C LEU B 245 30.91 -21.60 -3.13
N CYS B 246 30.23 -22.06 -4.17
CA CYS B 246 30.69 -23.25 -4.88
C CYS B 246 30.92 -22.96 -6.34
N SER B 247 32.05 -23.38 -6.87
CA SER B 247 32.37 -23.05 -8.25
C SER B 247 33.05 -24.17 -9.02
N LYS B 248 32.85 -24.11 -10.34
CA LYS B 248 33.55 -24.93 -11.31
C LYS B 248 34.88 -24.23 -11.54
N GLY B 249 35.97 -24.85 -11.11
CA GLY B 249 37.26 -24.19 -11.13
C GLY B 249 37.44 -23.37 -9.86
N ASN B 250 38.66 -22.92 -9.58
CA ASN B 250 38.97 -22.15 -8.37
C ASN B 250 38.17 -20.84 -8.24
N PRO B 251 37.72 -20.52 -7.02
CA PRO B 251 36.87 -19.36 -6.72
C PRO B 251 37.52 -17.97 -6.90
N LYS B 252 38.84 -17.80 -6.88
CA LYS B 252 39.34 -16.44 -7.08
C LYS B 252 39.25 -16.08 -8.55
N LYS B 253 38.06 -15.68 -8.96
CA LYS B 253 37.81 -15.25 -10.33
C LYS B 253 37.58 -13.76 -10.30
N ALA B 254 38.02 -13.04 -11.33
CA ALA B 254 37.73 -11.63 -11.46
C ALA B 254 37.02 -11.36 -12.78
N LEU B 255 36.32 -10.23 -12.88
CA LEU B 255 35.75 -9.83 -14.17
C LEU B 255 36.91 -9.49 -15.11
N ASN B 256 36.83 -9.96 -16.35
CA ASN B 256 37.82 -9.61 -17.36
C ASN B 256 37.67 -8.17 -17.84
N ILE B 257 37.91 -7.21 -16.93
CA ILE B 257 37.84 -5.79 -17.28
C ILE B 257 39.15 -5.06 -16.97
N ASP B 258 39.53 -4.14 -17.85
CA ASP B 258 40.71 -3.31 -17.62
C ASP B 258 40.39 -2.29 -16.53
N SER B 264 38.80 2.64 -11.52
CA SER B 264 38.53 1.86 -10.30
C SER B 264 38.34 2.77 -9.07
N GLY B 265 37.24 2.57 -8.37
CA GLY B 265 36.88 3.40 -7.23
C GLY B 265 37.60 3.09 -5.94
N GLU B 266 36.97 3.47 -4.84
CA GLU B 266 37.59 3.42 -3.52
C GLU B 266 37.04 2.26 -2.70
N VAL B 267 36.07 1.56 -3.27
CA VAL B 267 35.61 0.29 -2.71
C VAL B 267 36.71 -0.73 -2.97
N PHE B 268 37.17 -0.74 -4.22
CA PHE B 268 38.29 -1.57 -4.65
C PHE B 268 39.52 -1.42 -3.74
N LYS B 269 39.98 -0.18 -3.59
CA LYS B 269 41.21 0.08 -2.87
C LYS B 269 41.15 -0.14 -1.36
N ARG B 270 40.08 0.29 -0.71
CA ARG B 270 39.88 -0.05 0.69
C ARG B 270 39.96 -1.56 0.92
N VAL B 271 39.05 -2.27 0.25
CA VAL B 271 38.89 -3.71 0.44
C VAL B 271 40.14 -4.52 0.10
N GLN B 272 40.77 -4.25 -1.04
CA GLN B 272 41.93 -5.04 -1.45
C GLN B 272 43.13 -4.85 -0.51
N SER B 273 43.25 -3.66 0.09
CA SER B 273 44.37 -3.39 0.99
C SER B 273 44.17 -4.22 2.23
N VAL B 274 42.91 -4.45 2.55
CA VAL B 274 42.53 -5.07 3.79
C VAL B 274 42.18 -6.56 3.66
N CYS B 275 41.47 -6.92 2.59
CA CYS B 275 41.25 -8.32 2.25
C CYS B 275 42.34 -8.84 1.32
N SER B 276 43.44 -9.28 1.90
CA SER B 276 44.62 -9.62 1.13
C SER B 276 44.35 -10.72 0.12
N PRO B 277 44.74 -10.47 -1.15
CA PRO B 277 44.54 -11.45 -2.22
C PRO B 277 45.45 -12.67 -2.14
N ASN B 278 46.24 -12.80 -1.08
CA ASN B 278 47.11 -13.98 -0.93
C ASN B 278 46.74 -14.78 0.32
N ARG B 279 45.48 -14.73 0.75
CA ARG B 279 45.05 -15.56 1.87
C ARG B 279 44.69 -16.95 1.35
N PHE B 280 44.10 -16.99 0.16
CA PHE B 280 43.62 -18.23 -0.43
C PHE B 280 44.42 -18.63 -1.66
N SER B 290 36.60 -30.56 -10.58
CA SER B 290 36.91 -29.15 -10.40
C SER B 290 35.78 -28.43 -9.66
N LEU B 291 35.42 -28.98 -8.50
CA LEU B 291 34.43 -28.37 -7.64
C LEU B 291 35.07 -27.85 -6.37
N PHE B 292 35.03 -26.54 -6.21
CA PHE B 292 35.55 -25.87 -5.04
C PHE B 292 34.39 -25.35 -4.20
N ALA B 293 34.47 -25.50 -2.89
CA ALA B 293 33.44 -24.98 -2.00
C ALA B 293 34.04 -24.23 -0.81
N MET B 294 33.50 -23.04 -0.56
CA MET B 294 33.90 -22.18 0.55
C MET B 294 32.68 -21.76 1.37
N HIS B 295 32.86 -21.60 2.66
CA HIS B 295 31.84 -20.98 3.50
C HIS B 295 32.27 -19.59 3.96
N PHE B 296 31.38 -18.63 3.77
CA PHE B 296 31.58 -17.27 4.23
C PHE B 296 30.64 -16.96 5.37
N PRO B 297 31.20 -16.62 6.54
CA PRO B 297 30.33 -16.28 7.67
C PRO B 297 29.70 -14.92 7.47
N THR B 298 28.62 -14.62 8.17
CA THR B 298 28.17 -13.24 8.20
C THR B 298 28.55 -12.62 9.55
N ILE B 299 28.09 -11.39 9.76
CA ILE B 299 28.41 -10.65 10.98
C ILE B 299 27.15 -10.29 11.73
N PRO B 300 27.11 -10.60 13.04
CA PRO B 300 25.97 -10.29 13.90
C PRO B 300 25.49 -8.85 13.73
N ALA B 301 24.18 -8.70 13.56
CA ALA B 301 23.57 -7.40 13.37
C ALA B 301 22.35 -7.30 14.27
N LYS B 302 21.79 -6.11 14.43
CA LYS B 302 20.50 -6.06 15.10
C LYS B 302 19.44 -5.83 14.06
N VAL B 303 18.73 -6.91 13.73
CA VAL B 303 17.75 -6.90 12.68
C VAL B 303 16.62 -5.94 12.98
N LYS B 304 16.42 -4.98 12.09
CA LYS B 304 15.22 -4.16 12.12
C LYS B 304 14.25 -4.66 11.06
N LYS B 305 14.80 -5.25 10.00
CA LYS B 305 14.02 -5.88 8.94
C LYS B 305 14.91 -6.65 7.96
N LEU B 306 14.56 -7.89 7.73
CA LEU B 306 15.31 -8.78 6.85
C LEU B 306 15.17 -8.35 5.38
N THR B 307 14.30 -7.36 5.14
CA THR B 307 14.07 -6.82 3.80
C THR B 307 15.37 -6.39 3.12
N GLY B 308 15.56 -6.87 1.89
CA GLY B 308 16.70 -6.41 1.09
C GLY B 308 18.02 -7.12 1.29
N ALA B 309 18.08 -8.07 2.22
CA ALA B 309 19.34 -8.74 2.52
C ALA B 309 19.92 -9.52 1.35
N GLY B 310 19.14 -10.42 0.75
CA GLY B 310 19.63 -11.18 -0.39
C GLY B 310 19.99 -10.30 -1.58
N ASP B 311 19.22 -9.23 -1.78
CA ASP B 311 19.42 -8.31 -2.91
C ASP B 311 20.68 -7.47 -2.74
N CYS B 312 20.98 -7.02 -1.52
CA CYS B 312 22.19 -6.24 -1.31
C CYS B 312 23.41 -7.14 -1.32
N LEU B 313 23.24 -8.43 -1.03
CA LEU B 313 24.36 -9.35 -1.17
C LEU B 313 24.78 -9.40 -2.65
N VAL B 314 23.78 -9.48 -3.53
CA VAL B 314 24.03 -9.45 -4.96
C VAL B 314 24.58 -8.07 -5.34
N GLY B 315 23.88 -7.02 -4.94
CA GLY B 315 24.36 -5.67 -5.22
C GLY B 315 25.82 -5.45 -4.82
N GLY B 316 26.18 -5.82 -3.59
CA GLY B 316 27.52 -5.62 -3.07
C GLY B 316 28.57 -6.42 -3.83
N THR B 317 28.23 -7.67 -4.14
CA THR B 317 29.16 -8.51 -4.87
C THR B 317 29.36 -8.00 -6.29
N VAL B 318 28.26 -7.62 -6.95
CA VAL B 318 28.32 -7.14 -8.31
C VAL B 318 29.13 -5.85 -8.38
N ALA B 319 28.90 -4.95 -7.42
CA ALA B 319 29.64 -3.69 -7.35
C ALA B 319 31.13 -3.93 -7.21
N SER B 320 31.50 -4.86 -6.33
CA SER B 320 32.91 -5.15 -6.09
C SER B 320 33.55 -5.80 -7.30
N LEU B 321 32.83 -6.70 -7.95
CA LEU B 321 33.34 -7.32 -9.17
C LEU B 321 33.53 -6.23 -10.22
N SER B 322 32.56 -5.32 -10.29
CA SER B 322 32.60 -4.23 -11.27
C SER B 322 33.79 -3.31 -11.06
N ASP B 323 34.32 -3.27 -9.85
CA ASP B 323 35.47 -2.39 -9.56
C ASP B 323 36.80 -3.15 -9.57
N GLY B 324 36.77 -4.41 -10.02
CA GLY B 324 38.02 -5.13 -10.27
C GLY B 324 38.46 -6.11 -9.19
N LEU B 325 37.68 -6.22 -8.12
CA LEU B 325 37.97 -7.18 -7.05
C LEU B 325 37.69 -8.62 -7.50
N ASP B 326 38.31 -9.61 -6.85
CA ASP B 326 38.00 -10.99 -7.21
C ASP B 326 36.71 -11.42 -6.52
N LEU B 327 36.25 -12.62 -6.85
CA LEU B 327 34.94 -13.08 -6.38
C LEU B 327 34.93 -13.28 -4.88
N ILE B 328 36.07 -13.69 -4.33
CA ILE B 328 36.15 -13.94 -2.89
C ILE B 328 36.06 -12.64 -2.10
N GLN B 329 36.85 -11.64 -2.49
CA GLN B 329 36.77 -10.32 -1.91
C GLN B 329 35.37 -9.74 -2.11
N SER B 330 34.83 -9.95 -3.31
CA SER B 330 33.56 -9.36 -3.69
C SER B 330 32.39 -9.91 -2.90
N LEU B 331 32.36 -11.23 -2.69
CA LEU B 331 31.31 -11.86 -1.89
C LEU B 331 31.37 -11.38 -0.44
N ALA B 332 32.59 -11.22 0.09
CA ALA B 332 32.78 -10.67 1.42
C ALA B 332 32.11 -9.27 1.54
N VAL B 333 32.34 -8.38 0.58
CA VAL B 333 31.62 -7.09 0.54
C VAL B 333 30.10 -7.27 0.42
N GLY B 334 29.66 -8.22 -0.41
CA GLY B 334 28.23 -8.46 -0.57
C GLY B 334 27.63 -8.86 0.76
N ILE B 335 28.35 -9.66 1.53
CA ILE B 335 27.82 -10.06 2.83
C ILE B 335 27.78 -8.88 3.81
N ALA B 336 28.79 -8.02 3.77
CA ALA B 336 28.81 -6.79 4.55
C ALA B 336 27.64 -5.90 4.16
N SER B 337 27.36 -5.81 2.85
CA SER B 337 26.27 -4.97 2.37
C SER B 337 24.90 -5.53 2.80
N ALA B 338 24.77 -6.84 2.81
CA ALA B 338 23.52 -7.47 3.23
C ALA B 338 23.25 -7.21 4.70
N LYS B 339 24.32 -7.20 5.50
CA LYS B 339 24.21 -6.91 6.92
C LYS B 339 23.66 -5.50 7.13
N ALA B 340 24.19 -4.53 6.39
CA ALA B 340 23.67 -3.16 6.41
C ALA B 340 22.18 -3.11 6.04
N ALA B 341 21.77 -3.92 5.08
CA ALA B 341 20.38 -3.91 4.64
C ALA B 341 19.44 -4.38 5.75
N VAL B 342 19.86 -5.39 6.53
CA VAL B 342 18.99 -5.93 7.58
C VAL B 342 18.90 -4.94 8.75
N GLU B 343 19.80 -3.96 8.79
CA GLU B 343 19.74 -2.93 9.82
C GLU B 343 18.99 -1.70 9.30
N SER B 344 18.26 -1.87 8.21
CA SER B 344 17.45 -0.77 7.70
C SER B 344 16.00 -1.17 7.51
N ASP B 345 15.12 -0.19 7.53
CA ASP B 345 13.72 -0.45 7.23
C ASP B 345 13.55 -0.59 5.73
N ASP B 346 14.40 0.11 4.98
CA ASP B 346 14.39 0.04 3.52
C ASP B 346 14.95 -1.29 3.02
N ASN B 347 14.68 -1.60 1.76
CA ASN B 347 15.33 -2.74 1.13
C ASN B 347 16.81 -2.46 0.98
N VAL B 348 17.14 -1.22 0.64
CA VAL B 348 18.52 -0.79 0.51
C VAL B 348 18.74 0.44 1.40
N PRO B 349 19.77 0.40 2.26
CA PRO B 349 19.99 1.52 3.19
C PRO B 349 20.17 2.81 2.42
N PRO B 350 19.67 3.93 2.98
CA PRO B 350 19.77 5.27 2.38
C PRO B 350 21.21 5.58 1.98
N GLU B 351 22.15 4.99 2.70
CA GLU B 351 23.56 5.19 2.40
C GLU B 351 24.39 4.02 2.88
N PHE B 352 25.57 3.83 2.28
CA PHE B 352 26.57 2.93 2.82
C PHE B 352 27.73 3.77 3.35
N LYS B 353 28.34 3.33 4.45
CA LYS B 353 29.57 3.97 4.89
C LYS B 353 30.69 2.99 4.58
N LEU B 354 31.57 3.40 3.66
CA LEU B 354 32.49 2.47 3.03
C LEU B 354 33.58 1.92 3.95
N ASP B 355 33.97 2.70 4.96
CA ASP B 355 34.92 2.19 5.93
C ASP B 355 34.28 1.07 6.74
N LEU B 356 33.00 1.22 7.03
CA LEU B 356 32.26 0.19 7.75
C LEU B 356 32.08 -1.05 6.88
N ILE B 357 31.68 -0.84 5.62
CA ILE B 357 31.50 -1.95 4.69
C ILE B 357 32.84 -2.67 4.59
N SER B 358 33.90 -1.89 4.44
CA SER B 358 35.26 -2.42 4.36
C SER B 358 35.66 -3.22 5.59
N GLY B 359 35.39 -2.66 6.77
CA GLY B 359 35.69 -3.33 8.03
C GLY B 359 34.98 -4.67 8.14
N ASP B 360 33.69 -4.68 7.88
CA ASP B 360 32.88 -5.90 7.90
C ASP B 360 33.35 -6.92 6.84
N ALA B 361 33.67 -6.42 5.66
CA ALA B 361 34.11 -7.32 4.59
C ALA B 361 35.37 -8.05 5.04
N GLU B 362 36.26 -7.32 5.73
CA GLU B 362 37.51 -7.93 6.21
C GLU B 362 37.27 -9.09 7.17
N LEU B 363 36.38 -8.87 8.13
CA LEU B 363 36.00 -9.92 9.04
C LEU B 363 35.50 -11.13 8.28
N VAL B 364 34.56 -10.91 7.38
CA VAL B 364 33.99 -12.01 6.58
C VAL B 364 35.08 -12.74 5.83
N TYR B 365 35.91 -11.97 5.14
CA TYR B 365 36.97 -12.50 4.28
C TYR B 365 37.93 -13.34 5.10
N ASN B 366 38.32 -12.82 6.26
CA ASN B 366 39.25 -13.52 7.15
C ASN B 366 38.59 -14.69 7.88
N GLY B 367 37.26 -14.64 8.01
CA GLY B 367 36.56 -15.73 8.67
C GLY B 367 36.18 -16.88 7.75
N ALA B 368 36.34 -16.67 6.45
CA ALA B 368 35.88 -17.63 5.44
C ALA B 368 36.78 -18.85 5.37
N LYS B 369 36.20 -20.01 5.11
CA LYS B 369 37.02 -21.22 5.07
C LYS B 369 36.71 -22.14 3.89
N MET B 370 37.72 -22.90 3.49
CA MET B 370 37.53 -23.92 2.48
C MET B 370 36.73 -25.08 3.06
N LEU B 371 35.80 -25.60 2.28
CA LEU B 371 35.07 -26.81 2.62
C LEU B 371 35.55 -27.97 1.76
N MET B 372 35.97 -27.64 0.54
CA MET B 372 36.37 -28.61 -0.46
C MET B 372 37.19 -27.96 -1.56
NA NA C . -15.62 2.43 -5.09
MG MG D . -21.47 5.53 7.05
MG MG E . -18.00 5.07 6.53
PG ATP F . -17.78 2.61 3.55
O1G ATP F . -16.27 2.57 3.60
O2G ATP F . -18.32 4.01 3.59
O3G ATP F . -18.43 1.71 2.51
PB ATP F . -19.70 2.23 5.59
O1B ATP F . -19.76 3.65 6.16
O2B ATP F . -20.00 1.05 6.50
O3B ATP F . -18.26 1.93 4.92
PA ATP F . -21.95 1.14 4.24
O1A ATP F . -22.98 1.30 5.32
O2A ATP F . -21.44 -0.26 3.95
O3A ATP F . -20.71 2.18 4.36
O5' ATP F . -22.58 1.73 2.89
C5' ATP F . -23.02 3.10 2.89
C4' ATP F . -24.03 3.31 1.78
O4' ATP F . -23.51 2.85 0.53
C3' ATP F . -25.29 2.51 2.01
O3' ATP F . -26.23 3.29 2.76
C2' ATP F . -25.79 2.21 0.62
O2' ATP F . -26.68 3.24 0.17
C1' ATP F . -24.55 2.26 -0.25
N9 ATP F . -24.21 0.86 -0.54
C8 ATP F . -23.31 0.14 0.17
N7 ATP F . -23.22 -1.11 -0.34
C5 ATP F . -24.07 -1.20 -1.37
C6 ATP F . -24.43 -2.25 -2.33
N6 ATP F . -23.85 -3.47 -2.23
N1 ATP F . -25.36 -1.96 -3.28
C2 ATP F . -25.93 -0.74 -3.35
N3 ATP F . -25.63 0.27 -2.51
C4 ATP F . -24.72 0.10 -1.52
NA NA G . 16.11 -3.77 5.28
MG MG H . 19.45 -15.45 -2.33
MG MG I . 16.25 -13.76 -2.35
PG ATP J . 15.70 -12.17 0.91
O1G ATP J . 15.53 -12.31 -0.58
O2G ATP J . 16.98 -11.50 1.35
O3G ATP J . 14.49 -11.64 1.63
PB ATP J . 16.96 -14.73 0.95
O1B ATP J . 17.25 -14.58 -0.52
O2B ATP J . 16.60 -16.09 1.52
O3B ATP J . 15.84 -13.68 1.44
PA ATP J . 18.87 -14.99 3.01
O1A ATP J . 19.58 -16.24 2.56
O2A ATP J . 17.81 -15.08 4.08
O3A ATP J . 18.25 -14.20 1.76
O5' ATP J . 19.98 -13.91 3.43
C5' ATP J . 20.82 -13.36 2.42
C4' ATP J . 22.13 -12.90 3.04
O4' ATP J . 21.86 -11.83 3.95
C3' ATP J . 22.79 -13.97 3.89
O3' ATP J . 23.72 -14.75 3.15
C2' ATP J . 23.50 -13.17 4.97
O2' ATP J . 24.86 -12.94 4.63
C1' ATP J . 22.77 -11.83 5.04
N9 ATP J . 22.01 -11.84 6.30
C8 ATP J . 20.72 -12.24 6.41
N7 ATP J . 20.28 -12.14 7.69
C5 ATP J . 21.32 -11.67 8.42
C6 ATP J . 21.53 -11.34 9.84
N6 ATP J . 20.51 -11.51 10.72
N1 ATP J . 22.76 -10.88 10.21
C2 ATP J . 23.76 -10.72 9.31
N3 ATP J . 23.63 -11.00 8.01
C4 ATP J . 22.45 -11.48 7.51
#